data_2QQK
#
_entry.id   2QQK
#
_cell.length_a   148.277
_cell.length_b   105.873
_cell.length_c   92.400
_cell.angle_alpha   90.000
_cell.angle_beta   98.830
_cell.angle_gamma   90.000
#
_symmetry.space_group_name_H-M   'C 1 2 1'
#
loop_
_entity.id
_entity.type
_entity.pdbx_description
1 polymer Neuropilin-2
2 polymer 'Antibody Heavy Chain'
3 polymer 'Antibody Light Chain'
4 non-polymer 2-acetamido-2-deoxy-beta-D-glucopyranose
#
loop_
_entity_poly.entity_id
_entity_poly.type
_entity_poly.pdbx_seq_one_letter_code
_entity_poly.pdbx_strand_id
1 'polypeptide(L)'
;QPDPPCGGRLNSKDAGYITSPGYPQDYPSHQNCEWIVYAPEPNQKIVLNFNPHFEIEKHDCKYDFIEIRDGDSESADLLG
KHCGNIAPPTIISSGSMLYIKFTSDYARQGAGFSLRYEIFKTGSEDCSKNFTSPNGTIESPGFPEKYPHNLDCTFTILAK
PKMEIILQFLIFDLEHDPLQVGEGDCKYDWLDIWDGIPHVGPLIGKYCGTKTPSELRSSTGILSLTFHTDMAVAKDGFSA
RYYLVHQEPLENFQCNVPLGMESGRIANEQISASSTYSDGRWTPQQSRLHGDDNGWTPNLDSNKEYLQVDLRFLTMLTAI
ATQGAISRETQNGYYVKSYKLEVSTNGEDWMVYRHGKNHKVFQANNDATEVVLNKLHAPLLTRFVRIRPQTWHSGIALRL
ELFGCRVTDAPCSNMLGMLSGLIADSQISASSTQEYLWSPSAARLVSSRSGWFPRIPQAQPGEEWLQVDLGTPKTVKGVI
IQGARGGDSITAVEARAFVRKFKVSYSLNGKDWEYIQDPRTQQPKLFEGNMHYDTPDIRRFDPIPAQYVRVYPERWSPAG
IGMRLEVLGCDWTHHHHHH
;
A
2 'polypeptide(L)'
;EVQLVESGGGLVQPGGSLRLSCAASGFTISGYGIHWVRQAPGKGLEWVAYIYPDSGYTDYADSVKGRFTISADTSKNTAY
LQMNSLRAEDTAVYYCAREDFRNRRRLWYVMDYWGQGTLVTVSSASTKGPSVFPLAPSSKSTSGGTAALGCLVKDYFPEP
VTVSWNSGALTSGVHTFPAVLQSSGLYSLSSVVTVPSSSLGTQTYICNVNHKPSNTKVDKKVEPKSCDKTH
;
H
3 'polypeptide(L)'
;DIQMTQSPSSLSASVGDRVTITCRASQDVSTAVAWYQQKPGKAPKLLIYSASFLYSGVPSRFSGSGSGTDFTLTISSLQP
EDFATYYCQQAWAYLPTFGQGTKVEIKRTVAAPSVFIFPPSDEQLKSGTASVVCLLNNFYPREAKVQWKVDNALQSGNSQ
ESVTEQDSKDSTYSLSSTLTLSKADYEKHKVYACEVTHQGLSSPVTKSFNRGEC
;
L
#
loop_
_chem_comp.id
_chem_comp.type
_chem_comp.name
_chem_comp.formula
NAG D-saccharide, beta linking 2-acetamido-2-deoxy-beta-D-glucopyranose 'C8 H15 N O6'
#
# COMPACT_ATOMS: atom_id res chain seq x y z
N PRO A 5 -14.68 2.10 10.72
CA PRO A 5 -14.71 3.54 10.40
C PRO A 5 -13.60 3.99 9.45
N CYS A 6 -13.90 4.95 8.58
CA CYS A 6 -12.93 5.44 7.58
C CYS A 6 -12.03 6.52 8.17
N GLY A 7 -11.05 6.98 7.39
CA GLY A 7 -10.12 8.03 7.81
C GLY A 7 -8.94 7.48 8.58
N GLY A 8 -8.06 8.37 9.04
CA GLY A 8 -6.95 7.97 9.90
C GLY A 8 -5.58 8.47 9.48
N ARG A 9 -4.60 8.24 10.35
CA ARG A 9 -3.21 8.67 10.11
C ARG A 9 -2.31 7.46 9.91
N LEU A 10 -1.55 7.44 8.81
CA LEU A 10 -0.83 6.24 8.38
C LEU A 10 0.66 6.46 8.24
N ASN A 11 1.46 5.62 8.90
CA ASN A 11 2.90 5.65 8.69
C ASN A 11 3.27 5.06 7.33
N SER A 12 3.95 5.86 6.52
CA SER A 12 4.25 5.47 5.16
C SER A 12 5.47 4.55 5.04
N LYS A 13 6.15 4.25 6.16
CA LYS A 13 7.24 3.26 6.17
C LYS A 13 6.79 1.96 5.52
N ASP A 14 5.54 1.59 5.79
CA ASP A 14 4.87 0.51 5.07
C ASP A 14 4.09 1.16 3.94
N ALA A 15 4.23 0.64 2.73
CA ALA A 15 3.35 1.06 1.64
C ALA A 15 1.98 0.53 1.98
N GLY A 16 0.95 1.33 1.74
CA GLY A 16 -0.41 0.88 1.92
C GLY A 16 -1.38 1.44 0.91
N TYR A 17 -2.52 0.77 0.77
CA TYR A 17 -3.63 1.27 0.00
C TYR A 17 -4.52 2.19 0.82
N ILE A 18 -5.16 3.13 0.13
CA ILE A 18 -6.28 3.90 0.67
C ILE A 18 -7.33 3.96 -0.41
N THR A 19 -8.54 3.57 -0.07
CA THR A 19 -9.64 3.59 -1.00
C THR A 19 -10.81 4.29 -0.36
N SER A 20 -11.75 4.73 -1.18
CA SER A 20 -13.05 5.13 -0.68
C SER A 20 -13.71 3.90 -0.01
N PRO A 21 -14.50 4.13 1.05
CA PRO A 21 -15.02 3.07 1.96
C PRO A 21 -15.30 1.65 1.40
N GLY A 22 -16.19 1.48 0.43
CA GLY A 22 -16.53 0.10 0.02
C GLY A 22 -15.87 -0.43 -1.25
N TYR A 23 -14.87 0.30 -1.75
CA TYR A 23 -14.37 0.17 -3.12
C TYR A 23 -14.00 -1.26 -3.45
N PRO A 24 -14.38 -1.73 -4.65
CA PRO A 24 -15.02 -1.05 -5.78
C PRO A 24 -16.56 -1.02 -5.80
N GLN A 25 -17.21 -1.28 -4.66
CA GLN A 25 -18.66 -1.09 -4.58
C GLN A 25 -18.92 0.40 -4.53
N ASP A 26 -20.07 0.84 -5.04
CA ASP A 26 -20.39 2.27 -5.01
C ASP A 26 -20.27 2.84 -3.58
N TYR A 27 -19.67 4.01 -3.46
CA TYR A 27 -19.37 4.59 -2.14
C TYR A 27 -20.64 5.11 -1.52
N PRO A 28 -20.67 5.25 -0.18
CA PRO A 28 -21.88 5.78 0.45
C PRO A 28 -22.12 7.23 0.08
N SER A 29 -23.38 7.62 0.00
CA SER A 29 -23.75 9.01 -0.21
C SER A 29 -23.62 9.81 1.11
N HIS A 30 -23.46 11.13 0.96
CA HIS A 30 -23.59 12.07 2.08
C HIS A 30 -22.67 11.76 3.27
N GLN A 31 -21.36 11.67 3.01
CA GLN A 31 -20.38 11.29 4.05
C GLN A 31 -18.93 11.49 3.59
N ASN A 32 -18.12 12.08 4.47
CA ASN A 32 -16.80 12.57 4.13
C ASN A 32 -15.71 11.91 4.95
N CYS A 33 -14.61 11.55 4.30
CA CYS A 33 -13.45 10.94 4.95
C CYS A 33 -12.28 11.87 4.87
N GLU A 34 -11.31 11.65 5.74
CA GLU A 34 -10.04 12.37 5.66
C GLU A 34 -8.92 11.55 6.29
N TRP A 35 -7.80 11.44 5.55
CA TRP A 35 -6.62 10.70 6.01
C TRP A 35 -5.41 11.63 6.02
N ILE A 36 -4.49 11.41 6.95
CA ILE A 36 -3.15 12.02 6.85
C ILE A 36 -2.14 10.89 6.66
N VAL A 37 -1.39 10.98 5.57
CA VAL A 37 -0.27 10.05 5.33
C VAL A 37 1.00 10.81 5.66
N TYR A 38 1.95 10.15 6.31
CA TYR A 38 3.12 10.85 6.85
C TYR A 38 4.36 9.97 6.84
N ALA A 39 5.52 10.59 6.65
CA ALA A 39 6.79 9.87 6.73
C ALA A 39 7.42 10.04 8.12
N PRO A 40 8.28 9.08 8.52
CA PRO A 40 9.00 9.11 9.81
C PRO A 40 9.67 10.45 10.18
N GLU A 41 10.31 11.10 9.21
CA GLU A 41 11.07 12.33 9.46
C GLU A 41 11.05 13.26 8.23
N PRO A 42 11.13 14.59 8.45
CA PRO A 42 11.02 15.55 7.34
C PRO A 42 11.94 15.28 6.13
N ASN A 43 13.02 14.53 6.32
CA ASN A 43 13.90 14.14 5.20
C ASN A 43 13.17 13.50 4.00
N GLN A 44 12.26 12.58 4.29
CA GLN A 44 11.54 11.82 3.24
C GLN A 44 10.28 12.55 2.78
N LYS A 45 9.80 12.17 1.59
CA LYS A 45 8.57 12.72 0.98
C LYS A 45 7.54 11.60 0.78
N ILE A 46 6.32 11.96 0.44
CA ILE A 46 5.32 10.93 0.09
C ILE A 46 4.79 11.01 -1.34
N VAL A 47 4.80 9.88 -2.04
CA VAL A 47 4.21 9.80 -3.37
C VAL A 47 2.88 9.04 -3.30
N LEU A 48 1.87 9.51 -4.03
CA LEU A 48 0.58 8.80 -4.17
C LEU A 48 0.40 8.34 -5.63
N ASN A 49 -0.03 7.09 -5.85
CA ASN A 49 -0.34 6.58 -7.20
C ASN A 49 -1.74 6.01 -7.29
N PHE A 50 -2.65 6.72 -7.96
CA PHE A 50 -4.04 6.27 -8.09
C PHE A 50 -4.19 5.13 -9.08
N ASN A 51 -5.09 4.20 -8.73
CA ASN A 51 -5.52 3.15 -9.64
C ASN A 51 -6.30 3.79 -10.77
N PRO A 52 -6.16 3.28 -11.99
CA PRO A 52 -6.88 3.90 -13.12
C PRO A 52 -8.39 3.72 -13.11
N HIS A 53 -8.86 2.79 -12.28
CA HIS A 53 -10.27 2.49 -12.18
C HIS A 53 -10.81 3.40 -11.11
N PHE A 54 -11.40 4.52 -11.56
CA PHE A 54 -11.71 5.69 -10.75
C PHE A 54 -13.08 6.18 -11.22
N GLU A 55 -14.04 6.29 -10.32
CA GLU A 55 -15.37 6.73 -10.70
C GLU A 55 -15.99 7.56 -9.59
N ILE A 56 -16.12 8.85 -9.87
CA ILE A 56 -16.79 9.78 -8.99
C ILE A 56 -17.80 10.53 -9.86
N GLU A 57 -18.85 11.03 -9.22
CA GLU A 57 -19.88 11.77 -9.95
C GLU A 57 -19.27 12.93 -10.70
N LYS A 58 -19.85 13.25 -11.85
CA LYS A 58 -19.33 14.30 -12.69
C LYS A 58 -19.88 15.63 -12.24
N HIS A 59 -20.70 16.25 -13.09
CA HIS A 59 -21.00 17.68 -13.05
C HIS A 59 -19.65 18.40 -13.10
N ASP A 60 -19.42 19.40 -12.25
CA ASP A 60 -18.14 20.10 -12.28
C ASP A 60 -17.45 19.94 -10.95
N CYS A 61 -17.44 18.72 -10.43
CA CYS A 61 -16.99 18.46 -9.06
C CYS A 61 -17.66 19.39 -8.02
N LYS A 62 -18.96 19.66 -8.20
CA LYS A 62 -19.69 20.49 -7.24
C LYS A 62 -20.10 19.68 -6.00
N TYR A 63 -20.23 18.37 -6.16
CA TYR A 63 -20.79 17.50 -5.12
C TYR A 63 -19.80 16.47 -4.60
N ASP A 64 -19.39 15.54 -5.47
CA ASP A 64 -18.48 14.48 -5.06
C ASP A 64 -17.13 14.80 -5.64
N PHE A 65 -16.09 14.60 -4.84
CA PHE A 65 -14.72 14.83 -5.28
C PHE A 65 -13.67 14.28 -4.31
N ILE A 66 -12.45 14.08 -4.81
CA ILE A 66 -11.31 13.85 -3.92
C ILE A 66 -10.38 15.07 -3.96
N GLU A 67 -9.99 15.53 -2.77
CA GLU A 67 -9.04 16.63 -2.62
C GLU A 67 -7.76 16.09 -1.98
N ILE A 68 -6.62 16.50 -2.53
CA ILE A 68 -5.33 16.20 -1.91
C ILE A 68 -4.63 17.52 -1.63
N ARG A 69 -4.14 17.67 -0.41
CA ARG A 69 -3.49 18.90 -0.01
C ARG A 69 -2.05 18.67 0.45
N ASP A 70 -1.19 19.65 0.13
CA ASP A 70 0.26 19.54 0.31
C ASP A 70 0.63 19.87 1.76
N GLY A 71 0.91 18.84 2.54
CA GLY A 71 1.26 19.01 3.93
C GLY A 71 0.24 18.38 4.84
N ASP A 72 -0.55 19.20 5.51
CA ASP A 72 -1.44 18.67 6.54
C ASP A 72 -2.53 19.67 6.90
N SER A 73 -3.70 19.14 7.28
CA SER A 73 -4.88 19.93 7.55
C SER A 73 -5.47 20.52 6.28
N GLU A 74 -6.71 20.99 6.40
CA GLU A 74 -7.50 21.44 5.27
C GLU A 74 -6.99 22.74 4.64
N SER A 75 -6.20 23.51 5.38
CA SER A 75 -5.72 24.79 4.89
C SER A 75 -4.41 24.72 4.08
N ALA A 76 -3.79 23.55 3.98
CA ALA A 76 -2.58 23.36 3.13
C ALA A 76 -2.89 23.57 1.65
N ASP A 77 -1.84 23.72 0.85
CA ASP A 77 -1.98 23.97 -0.58
C ASP A 77 -2.76 22.85 -1.32
N LEU A 78 -3.62 23.25 -2.24
CA LEU A 78 -4.39 22.30 -3.05
C LEU A 78 -3.51 21.69 -4.14
N LEU A 79 -3.06 20.46 -3.91
CA LEU A 79 -2.35 19.72 -4.93
C LEU A 79 -3.27 19.28 -6.08
N GLY A 80 -4.51 18.91 -5.78
CA GLY A 80 -5.50 18.66 -6.84
C GLY A 80 -6.90 18.32 -6.34
N LYS A 81 -7.91 18.72 -7.11
CA LYS A 81 -9.33 18.47 -6.76
C LYS A 81 -9.96 17.79 -7.96
N HIS A 82 -10.31 16.51 -7.78
CA HIS A 82 -10.67 15.65 -8.90
C HIS A 82 -12.04 14.96 -8.78
N CYS A 83 -12.63 14.67 -9.93
CA CYS A 83 -13.79 13.79 -10.02
C CYS A 83 -13.96 13.26 -11.46
N GLY A 84 -15.11 12.68 -11.78
CA GLY A 84 -15.29 12.05 -13.09
C GLY A 84 -14.53 10.74 -13.18
N ASN A 85 -14.14 10.35 -14.38
CA ASN A 85 -13.59 9.00 -14.61
C ASN A 85 -12.07 8.93 -14.83
N ILE A 86 -11.38 10.06 -14.75
CA ILE A 86 -9.94 10.18 -15.01
C ILE A 86 -9.20 10.36 -13.69
N ALA A 87 -8.44 9.35 -13.27
CA ALA A 87 -7.69 9.39 -12.00
C ALA A 87 -6.67 10.51 -11.99
N PRO A 88 -6.39 11.07 -10.81
CA PRO A 88 -5.31 12.04 -10.65
C PRO A 88 -3.98 11.53 -11.15
N PRO A 89 -3.06 12.45 -11.50
CA PRO A 89 -1.70 12.04 -11.86
C PRO A 89 -0.95 11.75 -10.59
N THR A 90 0.16 11.03 -10.68
CA THR A 90 1.04 10.85 -9.50
C THR A 90 1.24 12.19 -8.81
N ILE A 91 1.16 12.19 -7.49
CA ILE A 91 1.31 13.41 -6.70
C ILE A 91 2.38 13.19 -5.65
N ILE A 92 3.36 14.10 -5.58
CA ILE A 92 4.49 13.98 -4.66
C ILE A 92 4.48 15.13 -3.69
N SER A 93 4.73 14.82 -2.43
CA SER A 93 4.71 15.78 -1.34
C SER A 93 5.84 16.80 -1.45
N SER A 94 5.62 18.04 -1.00
CA SER A 94 6.75 18.98 -0.85
C SER A 94 7.37 18.85 0.54
N GLY A 95 6.56 18.44 1.53
CA GLY A 95 7.03 18.06 2.85
C GLY A 95 7.01 16.56 3.05
N SER A 96 6.72 16.13 4.27
CA SER A 96 6.72 14.72 4.62
C SER A 96 5.33 14.27 5.11
N MET A 97 4.30 15.02 4.68
CA MET A 97 2.91 14.74 5.04
C MET A 97 2.02 15.07 3.84
N LEU A 98 1.04 14.24 3.56
CA LEU A 98 -0.11 14.63 2.73
C LEU A 98 -1.43 14.56 3.49
N TYR A 99 -2.38 15.39 3.09
CA TYR A 99 -3.73 15.36 3.63
C TYR A 99 -4.67 15.00 2.48
N ILE A 100 -5.50 13.99 2.69
CA ILE A 100 -6.49 13.56 1.68
C ILE A 100 -7.90 13.66 2.28
N LYS A 101 -8.83 14.23 1.52
CA LYS A 101 -10.25 14.29 1.89
C LYS A 101 -11.15 13.78 0.77
N PHE A 102 -11.91 12.72 1.01
CA PHE A 102 -12.96 12.31 0.08
C PHE A 102 -14.28 12.90 0.55
N THR A 103 -14.98 13.60 -0.34
CA THR A 103 -16.30 14.17 -0.02
C THR A 103 -17.39 13.51 -0.87
N SER A 104 -18.55 13.31 -0.24
CA SER A 104 -19.70 12.65 -0.88
C SER A 104 -21.01 13.38 -0.56
N ASP A 105 -21.95 13.36 -1.51
CA ASP A 105 -23.26 14.01 -1.35
C ASP A 105 -24.27 13.48 -2.37
N GLN A 109 -23.60 7.60 -5.60
CA GLN A 109 -23.44 6.64 -6.70
C GLN A 109 -22.07 6.79 -7.40
N GLY A 110 -21.43 5.68 -7.74
CA GLY A 110 -20.10 5.68 -8.38
C GLY A 110 -19.09 4.78 -7.65
N ALA A 111 -18.27 4.05 -8.38
CA ALA A 111 -17.36 3.08 -7.75
C ALA A 111 -16.29 3.68 -6.82
N GLY A 112 -15.95 4.94 -6.99
CA GLY A 112 -15.02 5.62 -6.07
C GLY A 112 -13.59 5.60 -6.55
N PHE A 113 -12.64 5.52 -5.60
CA PHE A 113 -11.22 5.51 -5.94
C PHE A 113 -10.40 4.58 -5.08
N SER A 114 -9.21 4.25 -5.56
CA SER A 114 -8.20 3.57 -4.80
C SER A 114 -6.81 4.16 -5.12
N LEU A 115 -5.97 4.37 -4.08
CA LEU A 115 -4.56 4.77 -4.30
C LEU A 115 -3.53 3.97 -3.53
N ARG A 116 -2.29 4.02 -4.00
CA ARG A 116 -1.15 3.44 -3.27
C ARG A 116 -0.37 4.61 -2.74
N TYR A 117 0.14 4.48 -1.52
CA TYR A 117 1.07 5.46 -1.01
C TYR A 117 2.39 4.80 -0.63
N GLU A 118 3.47 5.57 -0.69
CA GLU A 118 4.75 5.14 -0.15
C GLU A 118 5.66 6.33 0.03
N ILE A 119 6.82 6.12 0.65
CA ILE A 119 7.76 7.20 0.83
C ILE A 119 8.52 7.42 -0.48
N PHE A 120 8.66 8.68 -0.86
CA PHE A 120 9.43 9.08 -2.03
C PHE A 120 10.77 9.57 -1.55
N LYS A 121 11.80 9.25 -2.29
CA LYS A 121 13.15 9.48 -1.82
C LYS A 121 13.83 10.50 -2.75
N THR A 122 14.31 11.61 -2.17
CA THR A 122 14.94 12.70 -2.95
C THR A 122 16.44 12.54 -3.18
N GLY A 123 17.14 11.81 -2.33
CA GLY A 123 18.57 11.62 -2.46
C GLY A 123 19.38 12.57 -1.59
N SER A 124 18.75 13.64 -1.12
CA SER A 124 19.31 14.45 -0.03
C SER A 124 19.87 13.59 1.13
N GLU A 125 20.83 14.18 1.84
CA GLU A 125 21.67 13.46 2.80
C GLU A 125 20.90 13.03 4.05
N ASP A 126 21.54 12.20 4.87
CA ASP A 126 21.07 11.96 6.24
C ASP A 126 22.11 12.54 7.19
N CYS A 127 22.35 13.84 7.01
CA CYS A 127 23.24 14.66 7.85
C CYS A 127 23.05 14.59 9.39
N SER A 128 21.86 14.18 9.85
CA SER A 128 21.51 14.09 11.27
C SER A 128 22.56 13.38 12.12
N LYS A 129 23.11 14.09 13.10
CA LYS A 129 24.10 13.53 14.02
C LYS A 129 23.53 13.45 15.44
N ASN A 130 23.74 12.31 16.09
CA ASN A 130 23.52 12.17 17.54
C ASN A 130 24.80 12.61 18.29
N PHE A 131 24.66 12.96 19.57
CA PHE A 131 25.79 13.44 20.38
C PHE A 131 25.86 12.81 21.78
N THR A 132 26.98 12.15 22.07
CA THR A 132 27.27 11.54 23.37
C THR A 132 28.27 12.36 24.19
N SER A 133 29.21 13.00 23.48
CA SER A 133 30.42 13.60 24.04
C SER A 133 30.17 14.68 25.12
N PRO A 134 30.98 14.72 26.17
CA PRO A 134 30.86 15.81 27.14
C PRO A 134 31.10 17.22 26.56
N ASN A 135 32.25 17.46 25.91
CA ASN A 135 32.51 18.75 25.21
C ASN A 135 32.49 18.61 23.70
N GLY A 136 31.27 18.53 23.14
CA GLY A 136 31.07 18.50 21.68
C GLY A 136 30.54 19.83 21.15
N THR A 137 30.63 20.02 19.83
CA THR A 137 30.06 21.21 19.18
C THR A 137 29.22 20.81 17.98
N ILE A 138 28.32 21.69 17.55
CA ILE A 138 27.42 21.42 16.43
C ILE A 138 27.19 22.68 15.58
N GLU A 139 26.97 22.49 14.29
CA GLU A 139 26.86 23.61 13.36
C GLU A 139 26.17 23.18 12.06
N SER A 140 25.74 24.16 11.28
CA SER A 140 25.12 23.91 9.99
C SER A 140 26.19 23.45 8.98
N PRO A 141 26.06 22.22 8.45
CA PRO A 141 27.09 21.66 7.56
C PRO A 141 27.61 22.65 6.52
N GLY A 142 28.92 22.61 6.28
CA GLY A 142 29.58 23.55 5.37
C GLY A 142 30.18 24.75 6.06
N PHE A 143 29.87 24.93 7.35
CA PHE A 143 30.33 26.07 8.14
C PHE A 143 31.86 26.08 8.18
N PRO A 144 32.48 27.27 8.04
CA PRO A 144 31.92 28.63 8.00
C PRO A 144 31.27 29.13 6.69
N GLU A 145 31.46 28.45 5.55
CA GLU A 145 30.86 28.93 4.28
C GLU A 145 29.33 28.73 4.27
N LYS A 146 28.67 29.17 3.21
CA LYS A 146 27.19 29.16 3.13
C LYS A 146 26.59 27.76 3.26
N TYR A 147 25.39 27.68 3.84
CA TYR A 147 24.68 26.40 4.02
C TYR A 147 23.86 25.99 2.77
N PRO A 148 23.92 24.71 2.36
CA PRO A 148 23.15 24.17 1.21
C PRO A 148 21.65 24.46 1.19
N HIS A 149 21.04 24.23 0.02
CA HIS A 149 19.61 24.39 -0.14
C HIS A 149 18.89 23.15 0.37
N ASN A 150 17.59 23.25 0.59
CA ASN A 150 16.73 22.07 0.86
C ASN A 150 17.31 21.07 1.84
N LEU A 151 17.47 21.50 3.08
CA LEU A 151 18.08 20.68 4.10
C LEU A 151 17.06 20.44 5.22
N ASP A 152 16.85 19.19 5.58
CA ASP A 152 15.98 18.85 6.72
C ASP A 152 16.77 17.97 7.68
N CYS A 153 17.38 18.59 8.69
CA CYS A 153 18.36 17.92 9.52
C CYS A 153 18.01 18.00 11.00
N THR A 154 18.29 16.92 11.72
CA THR A 154 18.04 16.86 13.16
C THR A 154 19.31 16.55 13.94
N PHE A 155 19.69 17.47 14.81
CA PHE A 155 20.82 17.28 15.70
C PHE A 155 20.26 17.00 17.08
N THR A 156 20.60 15.85 17.65
CA THR A 156 20.07 15.43 18.94
C THR A 156 21.19 15.25 19.96
N ILE A 157 21.01 15.80 21.16
CA ILE A 157 21.92 15.60 22.28
C ILE A 157 21.24 14.72 23.33
N LEU A 158 21.87 13.58 23.63
CA LEU A 158 21.39 12.65 24.65
C LEU A 158 22.28 12.75 25.88
N ALA A 159 21.68 12.68 27.07
CA ALA A 159 22.44 12.86 28.31
C ALA A 159 22.15 11.77 29.35
N LYS A 160 23.15 11.47 30.16
CA LYS A 160 23.05 10.46 31.20
C LYS A 160 22.22 11.02 32.37
N PRO A 161 21.55 10.16 33.15
CA PRO A 161 20.79 10.52 34.35
C PRO A 161 20.92 11.94 34.95
N LYS A 162 21.98 12.25 35.70
CA LYS A 162 21.98 13.51 36.48
C LYS A 162 22.86 14.59 35.85
N MET A 163 22.72 14.79 34.55
CA MET A 163 23.59 15.72 33.83
C MET A 163 22.81 16.65 32.93
N GLU A 164 22.92 17.95 33.18
CA GLU A 164 22.25 18.94 32.36
C GLU A 164 23.01 19.25 31.08
N ILE A 165 22.26 19.40 29.99
CA ILE A 165 22.81 19.82 28.72
C ILE A 165 22.84 21.33 28.70
N ILE A 166 24.02 21.90 28.44
CA ILE A 166 24.15 23.33 28.22
C ILE A 166 24.40 23.53 26.73
N LEU A 167 23.67 24.46 26.13
CA LEU A 167 23.76 24.71 24.70
C LEU A 167 23.78 26.19 24.42
N GLN A 168 24.90 26.71 23.92
CA GLN A 168 24.97 28.12 23.54
C GLN A 168 25.43 28.32 22.11
N PHE A 169 25.23 29.52 21.62
CA PHE A 169 25.42 29.82 20.20
C PHE A 169 26.40 30.96 20.01
N LEU A 170 27.31 30.79 19.04
CA LEU A 170 28.33 31.79 18.76
C LEU A 170 27.86 32.75 17.67
N ILE A 171 27.31 32.19 16.60
CA ILE A 171 26.67 33.00 15.55
C ILE A 171 25.43 32.32 15.00
N PHE A 172 24.52 33.13 14.47
CA PHE A 172 23.24 32.66 13.98
C PHE A 172 22.61 33.71 13.04
N ASP A 173 22.61 33.41 11.74
CA ASP A 173 22.09 34.32 10.70
C ASP A 173 21.32 33.53 9.64
N LEU A 174 20.03 33.83 9.48
CA LEU A 174 19.17 33.19 8.44
C LEU A 174 17.72 33.70 8.50
N TYR A 188 10.42 29.72 5.30
CA TYR A 188 11.64 30.00 4.58
C TYR A 188 12.81 29.13 5.07
N ASP A 189 13.69 29.69 5.91
CA ASP A 189 14.76 28.94 6.56
C ASP A 189 14.62 29.12 8.07
N TRP A 190 14.79 28.03 8.84
CA TRP A 190 14.64 28.10 10.29
C TRP A 190 15.35 27.00 11.07
N LEU A 191 15.50 27.25 12.37
CA LEU A 191 16.02 26.27 13.32
C LEU A 191 15.01 26.19 14.45
N ASP A 192 14.56 24.99 14.80
CA ASP A 192 13.81 24.88 16.04
C ASP A 192 14.31 23.81 17.01
N ILE A 193 14.18 24.17 18.30
CA ILE A 193 14.77 23.44 19.41
C ILE A 193 13.63 22.71 20.11
N TRP A 194 13.88 21.46 20.50
CA TRP A 194 12.83 20.62 21.07
C TRP A 194 13.22 20.05 22.42
N ASP A 195 12.28 20.06 23.37
CA ASP A 195 12.54 19.49 24.71
C ASP A 195 12.38 17.98 24.64
N GLY A 196 13.09 17.35 23.71
CA GLY A 196 12.92 15.94 23.44
C GLY A 196 13.10 15.66 21.97
N ILE A 197 12.47 14.59 21.50
CA ILE A 197 12.52 14.21 20.09
C ILE A 197 11.65 15.14 19.24
N PRO A 198 12.17 15.60 18.09
CA PRO A 198 11.44 16.52 17.22
C PRO A 198 10.03 16.08 16.83
N HIS A 199 9.08 17.01 16.91
CA HIS A 199 7.67 16.77 16.59
C HIS A 199 7.01 15.73 17.50
N VAL A 200 7.58 15.54 18.68
CA VAL A 200 7.00 14.69 19.70
C VAL A 200 7.11 15.46 21.01
N GLY A 201 8.33 15.72 21.44
CA GLY A 201 8.58 16.57 22.60
C GLY A 201 8.10 17.99 22.36
N PRO A 202 7.93 18.78 23.43
CA PRO A 202 7.46 20.14 23.22
C PRO A 202 8.46 20.98 22.44
N LEU A 203 7.94 21.93 21.65
CA LEU A 203 8.79 22.95 21.04
C LEU A 203 9.21 23.95 22.13
N ILE A 204 10.47 24.39 22.07
CA ILE A 204 10.86 25.48 22.91
C ILE A 204 11.12 26.78 22.16
N GLY A 205 11.48 26.69 20.89
CA GLY A 205 11.60 27.88 20.08
C GLY A 205 11.96 27.62 18.62
N LYS A 206 11.45 28.50 17.76
CA LYS A 206 11.76 28.50 16.34
C LYS A 206 12.54 29.78 16.06
N TYR A 207 13.78 29.62 15.63
CA TYR A 207 14.65 30.77 15.41
C TYR A 207 15.00 30.93 13.92
N CYS A 208 15.00 32.17 13.43
CA CYS A 208 15.29 32.44 12.02
C CYS A 208 15.52 33.92 11.74
N GLY A 209 16.45 34.53 12.47
CA GLY A 209 16.78 35.95 12.29
C GLY A 209 18.28 36.14 12.39
N THR A 210 18.69 37.32 12.88
CA THR A 210 20.10 37.63 13.16
C THR A 210 20.41 37.44 14.63
N LYS A 211 19.38 37.64 15.47
CA LYS A 211 19.48 37.44 16.93
C LYS A 211 19.73 35.97 17.26
N THR A 212 20.79 35.72 18.01
CA THR A 212 21.24 34.36 18.34
C THR A 212 20.36 33.70 19.42
N PRO A 213 20.28 32.35 19.43
CA PRO A 213 19.49 31.70 20.46
C PRO A 213 20.14 31.78 21.84
N SER A 214 19.37 32.26 22.81
CA SER A 214 19.82 32.38 24.18
C SER A 214 20.21 31.02 24.73
N GLU A 215 21.14 31.05 25.67
CA GLU A 215 21.67 29.85 26.32
C GLU A 215 20.51 28.95 26.80
N LEU A 216 20.73 27.64 26.76
CA LEU A 216 19.73 26.69 27.24
C LEU A 216 20.34 25.68 28.20
N ARG A 217 19.77 25.59 29.39
CA ARG A 217 20.09 24.52 30.31
C ARG A 217 18.87 23.61 30.36
N SER A 218 19.10 22.29 30.35
CA SER A 218 18.02 21.31 30.28
C SER A 218 18.34 20.06 31.08
N SER A 219 17.44 19.66 31.97
CA SER A 219 17.61 18.42 32.74
C SER A 219 16.71 17.26 32.25
N THR A 220 16.27 17.31 30.99
CA THR A 220 15.37 16.28 30.44
C THR A 220 16.10 14.96 30.12
N GLY A 221 17.33 15.05 29.65
CA GLY A 221 18.05 13.91 29.09
C GLY A 221 18.23 14.06 27.58
N ILE A 222 17.25 14.66 26.92
CA ILE A 222 17.30 14.89 25.47
C ILE A 222 17.08 16.36 25.13
N LEU A 223 17.74 16.82 24.06
CA LEU A 223 17.52 18.13 23.47
C LEU A 223 17.89 18.03 22.00
N SER A 224 17.04 18.54 21.13
CA SER A 224 17.21 18.34 19.71
C SER A 224 16.92 19.60 18.92
N LEU A 225 17.71 19.78 17.86
CA LEU A 225 17.48 20.86 16.91
C LEU A 225 17.02 20.29 15.57
N THR A 226 16.30 21.13 14.83
CA THR A 226 15.73 20.81 13.55
C THR A 226 16.08 21.96 12.62
N PHE A 227 16.98 21.73 11.68
CA PHE A 227 17.40 22.78 10.74
C PHE A 227 16.67 22.60 9.40
N HIS A 228 16.06 23.68 8.92
CA HIS A 228 15.34 23.66 7.65
C HIS A 228 15.80 24.80 6.74
N THR A 229 16.15 24.44 5.51
CA THR A 229 16.68 25.39 4.52
C THR A 229 15.85 25.33 3.25
N ASP A 230 15.86 26.44 2.51
CA ASP A 230 15.10 26.56 1.25
C ASP A 230 16.05 26.58 0.04
N MET A 231 15.46 26.70 -1.15
CA MET A 231 16.21 26.78 -2.42
C MET A 231 16.93 28.12 -2.60
N ALA A 232 16.42 29.20 -1.97
CA ALA A 232 16.79 30.57 -2.36
C ALA A 232 17.76 31.31 -1.42
N VAL A 233 18.98 31.56 -1.92
CA VAL A 233 19.95 32.50 -1.34
C VAL A 233 20.26 32.27 0.15
N ALA A 234 21.28 31.44 0.38
CA ALA A 234 21.68 31.09 1.75
C ALA A 234 22.40 32.25 2.43
N LYS A 235 22.20 32.34 3.74
CA LYS A 235 22.89 33.32 4.59
C LYS A 235 24.14 32.68 5.22
N ASP A 236 24.62 33.28 6.32
CA ASP A 236 25.86 32.84 6.95
C ASP A 236 25.66 31.56 7.76
N GLY A 237 24.43 31.33 8.22
CA GLY A 237 24.05 30.07 8.86
C GLY A 237 24.12 30.14 10.37
N PHE A 238 24.62 29.07 10.99
CA PHE A 238 24.76 29.03 12.43
C PHE A 238 25.87 28.10 12.90
N SER A 239 26.51 28.49 14.01
CA SER A 239 27.43 27.64 14.75
C SER A 239 27.10 27.69 16.25
N ALA A 240 27.16 26.55 16.92
CA ALA A 240 26.86 26.46 18.35
C ALA A 240 27.71 25.39 19.05
N ARG A 241 27.48 25.19 20.34
CA ARG A 241 28.37 24.40 21.18
C ARG A 241 27.63 23.90 22.43
N TYR A 242 28.00 22.73 22.94
CA TYR A 242 27.30 22.15 24.08
C TYR A 242 28.21 21.47 25.10
N TYR A 243 27.77 21.51 26.36
CA TYR A 243 28.44 20.85 27.49
C TYR A 243 27.45 20.01 28.30
N LEU A 244 27.92 18.88 28.82
CA LEU A 244 27.16 18.12 29.79
C LEU A 244 27.85 18.32 31.13
N VAL A 245 27.08 18.65 32.16
CA VAL A 245 27.62 19.00 33.48
C VAL A 245 26.87 18.25 34.57
N HIS A 246 27.59 17.70 35.53
CA HIS A 246 26.98 16.93 36.62
C HIS A 246 26.29 17.84 37.63
N GLN A 247 25.19 17.34 38.19
CA GLN A 247 24.38 18.07 39.16
C GLN A 247 23.97 17.13 40.29
N GLU A 248 24.54 17.34 41.48
CA GLU A 248 24.11 16.64 42.69
C GLU A 248 23.45 17.62 43.65
N PRO A 249 22.11 17.73 43.61
CA PRO A 249 21.42 18.46 44.67
C PRO A 249 21.42 17.65 45.97
N LEU A 250 21.29 18.33 47.10
CA LEU A 250 21.46 17.69 48.40
C LEU A 250 20.19 16.97 48.86
N GLU A 251 20.25 16.46 50.09
CA GLU A 251 19.06 15.99 50.81
C GLU A 251 18.42 17.23 51.39
N ASN A 252 19.22 17.94 52.18
CA ASN A 252 18.82 19.20 52.76
C ASN A 252 18.79 20.24 51.65
N PHE A 253 17.72 20.19 50.85
CA PHE A 253 17.53 21.10 49.73
C PHE A 253 16.07 21.52 49.65
N GLN A 254 15.86 22.83 49.58
CA GLN A 254 14.53 23.41 49.55
C GLN A 254 14.28 24.10 48.22
N CYS A 255 13.07 23.93 47.71
CA CYS A 255 12.76 24.31 46.34
C CYS A 255 12.36 25.79 46.24
N ASN A 256 13.28 26.66 46.64
CA ASN A 256 13.03 28.10 46.76
C ASN A 256 14.11 28.95 46.07
N VAL A 257 14.81 28.34 45.11
CA VAL A 257 15.89 28.99 44.38
C VAL A 257 15.34 29.99 43.36
N PRO A 258 16.04 31.11 43.13
CA PRO A 258 15.65 32.04 42.07
C PRO A 258 15.84 31.46 40.69
N LEU A 259 14.89 31.72 39.79
CA LEU A 259 14.83 31.04 38.48
C LEU A 259 15.54 31.74 37.33
N GLY A 260 15.87 33.01 37.49
CA GLY A 260 16.74 33.69 36.54
C GLY A 260 16.45 35.11 36.09
N MET A 261 15.46 35.79 36.65
CA MET A 261 15.25 37.20 36.28
C MET A 261 16.46 38.07 36.66
N GLU A 262 16.88 38.05 37.92
CA GLU A 262 17.99 38.92 38.31
C GLU A 262 19.31 38.41 37.73
N SER A 263 19.53 37.10 37.74
CA SER A 263 20.81 36.52 37.27
C SER A 263 20.94 36.54 35.75
N GLY A 264 19.82 36.61 35.03
CA GLY A 264 19.85 36.52 33.59
C GLY A 264 19.81 35.13 32.97
N ARG A 265 19.65 34.07 33.77
CA ARG A 265 19.45 32.73 33.20
C ARG A 265 18.14 32.64 32.45
N ILE A 266 17.18 33.46 32.85
CA ILE A 266 16.00 33.70 32.04
C ILE A 266 16.46 34.81 31.11
N ALA A 267 16.61 34.50 29.82
CA ALA A 267 17.15 35.48 28.87
C ALA A 267 16.06 36.41 28.35
N ASN A 268 16.47 37.52 27.76
CA ASN A 268 15.55 38.55 27.31
C ASN A 268 14.39 37.98 26.50
N GLU A 269 14.71 37.16 25.50
CA GLU A 269 13.73 36.47 24.64
C GLU A 269 12.56 35.90 25.40
N GLN A 270 12.86 35.25 26.50
CA GLN A 270 11.87 34.58 27.34
C GLN A 270 10.87 35.54 28.00
N ILE A 271 11.19 36.83 28.10
CA ILE A 271 10.29 37.81 28.71
C ILE A 271 9.52 38.58 27.66
N SER A 272 8.21 38.69 27.84
CA SER A 272 7.31 39.29 26.87
C SER A 272 6.18 39.94 27.61
N ALA A 273 5.38 40.75 26.93
CA ALA A 273 4.20 41.38 27.57
C ALA A 273 3.02 41.57 26.62
N SER A 274 1.85 41.73 27.22
CA SER A 274 0.64 42.09 26.49
C SER A 274 0.84 43.34 25.64
N SER A 275 1.64 44.27 26.15
CA SER A 275 1.98 45.51 25.46
C SER A 275 3.01 46.27 26.28
N THR A 276 3.54 47.34 25.71
CA THR A 276 4.57 48.13 26.39
C THR A 276 4.44 49.61 26.03
N TYR A 277 4.90 50.48 26.93
CA TYR A 277 4.73 51.92 26.80
C TYR A 277 5.38 52.46 25.52
N SER A 278 4.79 53.53 24.97
CA SER A 278 5.11 54.04 23.62
C SER A 278 6.56 54.52 23.38
N ASP A 279 7.17 55.17 24.38
CA ASP A 279 8.52 55.72 24.22
C ASP A 279 9.64 54.67 24.20
N GLY A 280 9.30 53.41 24.44
CA GLY A 280 10.27 52.31 24.38
C GLY A 280 11.22 52.24 25.56
N ARG A 281 10.89 52.95 26.64
CA ARG A 281 11.76 53.06 27.82
C ARG A 281 11.34 52.18 29.01
N TRP A 282 10.25 51.42 28.85
CA TRP A 282 9.77 50.55 29.91
C TRP A 282 9.39 49.19 29.33
N THR A 283 10.41 48.47 28.88
CA THR A 283 10.22 47.23 28.13
C THR A 283 10.12 46.05 29.10
N PRO A 284 9.58 44.91 28.62
CA PRO A 284 9.62 43.65 29.35
C PRO A 284 10.99 43.31 29.90
N GLN A 285 12.02 43.57 29.11
CA GLN A 285 13.37 43.18 29.45
C GLN A 285 13.94 43.97 30.63
N GLN A 286 13.20 44.98 31.08
CA GLN A 286 13.62 45.80 32.20
C GLN A 286 12.91 45.38 33.49
N SER A 287 12.07 44.34 33.41
CA SER A 287 11.36 43.84 34.58
C SER A 287 12.17 42.88 35.46
N ARG A 288 13.49 43.02 35.50
CA ARG A 288 14.31 42.14 36.30
C ARG A 288 14.44 42.72 37.72
N LEU A 289 14.33 41.88 38.74
CA LEU A 289 14.42 42.37 40.10
C LEU A 289 15.72 43.20 40.30
N HIS A 290 15.58 44.38 40.90
CA HIS A 290 16.71 45.26 41.17
C HIS A 290 17.37 45.90 39.93
N GLY A 291 16.78 45.80 38.75
CA GLY A 291 17.30 46.50 37.57
C GLY A 291 17.42 48.01 37.80
N ASP A 292 18.51 48.59 37.31
CA ASP A 292 18.77 50.03 37.52
C ASP A 292 18.06 50.99 36.53
N ASP A 293 17.29 50.46 35.58
CA ASP A 293 16.75 51.27 34.47
C ASP A 293 15.22 51.10 34.30
N ASN A 294 14.47 51.93 35.01
CA ASN A 294 13.01 51.87 34.99
C ASN A 294 12.48 50.47 35.30
N GLY A 295 11.41 50.03 34.61
CA GLY A 295 10.85 48.67 34.76
C GLY A 295 9.93 48.44 33.59
N TRP A 296 9.07 47.45 33.63
CA TRP A 296 8.10 47.27 32.55
C TRP A 296 6.82 48.02 32.86
N THR A 297 6.34 48.79 31.88
CA THR A 297 5.05 49.46 31.93
C THR A 297 4.35 49.23 30.61
N PRO A 298 3.06 48.84 30.65
CA PRO A 298 2.32 48.55 29.43
C PRO A 298 1.88 49.82 28.71
N ASN A 299 1.40 49.65 27.48
CA ASN A 299 0.94 50.78 26.69
C ASN A 299 -0.21 51.56 27.35
N LEU A 300 -1.06 50.87 28.09
CA LEU A 300 -2.19 51.50 28.75
C LEU A 300 -2.57 50.76 30.02
N ASP A 301 -2.62 51.48 31.14
CA ASP A 301 -2.94 50.88 32.45
C ASP A 301 -4.38 50.36 32.51
N SER A 302 -4.52 49.06 32.69
CA SER A 302 -5.82 48.41 32.95
C SER A 302 -5.51 47.06 33.57
N ASN A 303 -6.53 46.32 34.03
CA ASN A 303 -6.29 45.04 34.69
C ASN A 303 -6.31 43.84 33.76
N LYS A 304 -6.26 44.09 32.45
CA LYS A 304 -6.16 43.05 31.43
C LYS A 304 -4.81 43.06 30.70
N GLU A 305 -3.86 43.83 31.24
CA GLU A 305 -2.48 43.78 30.79
C GLU A 305 -1.72 42.73 31.59
N TYR A 306 -0.68 42.16 30.98
CA TYR A 306 0.17 41.20 31.66
C TYR A 306 1.61 41.27 31.20
N LEU A 307 2.49 40.88 32.09
CA LEU A 307 3.87 40.57 31.75
C LEU A 307 3.94 39.06 31.80
N GLN A 308 4.66 38.47 30.86
CA GLN A 308 4.75 37.03 30.77
C GLN A 308 6.21 36.56 30.77
N VAL A 309 6.46 35.40 31.37
CA VAL A 309 7.77 34.75 31.31
C VAL A 309 7.62 33.32 30.79
N ASP A 310 8.41 32.98 29.78
CA ASP A 310 8.44 31.60 29.29
C ASP A 310 9.66 30.90 29.86
N LEU A 311 9.45 30.11 30.91
CA LEU A 311 10.55 29.34 31.51
C LEU A 311 11.15 28.30 30.60
N ARG A 312 10.43 27.92 29.53
CA ARG A 312 10.89 26.95 28.53
C ARG A 312 10.70 25.49 28.91
N PHE A 313 10.91 25.14 30.17
CA PHE A 313 10.71 23.77 30.65
C PHE A 313 9.74 23.74 31.79
N LEU A 314 9.11 22.59 31.99
CA LEU A 314 8.24 22.42 33.15
C LEU A 314 9.04 22.69 34.41
N THR A 315 8.60 23.66 35.18
CA THR A 315 9.30 24.07 36.38
C THR A 315 8.33 24.19 37.55
N MET A 316 8.79 23.82 38.74
CA MET A 316 8.03 24.09 39.96
C MET A 316 8.15 25.57 40.29
N LEU A 317 7.02 26.23 40.56
CA LEU A 317 7.01 27.62 40.97
C LEU A 317 6.51 27.68 42.41
N THR A 318 7.30 28.26 43.29
CA THR A 318 6.97 28.30 44.72
C THR A 318 6.81 29.71 45.27
N ALA A 319 7.34 30.72 44.58
CA ALA A 319 7.25 32.10 45.06
C ALA A 319 7.45 33.13 43.97
N ILE A 320 6.81 34.29 44.14
CA ILE A 320 6.98 35.45 43.27
C ILE A 320 7.39 36.65 44.12
N ALA A 321 8.38 37.40 43.66
CA ALA A 321 8.84 38.63 44.34
C ALA A 321 8.68 39.78 43.38
N THR A 322 8.18 40.91 43.85
CA THR A 322 7.92 42.04 42.94
C THR A 322 8.32 43.38 43.52
N GLN A 323 8.53 44.33 42.59
CA GLN A 323 9.00 45.66 42.91
C GLN A 323 8.29 46.62 42.03
N GLY A 324 8.26 47.88 42.45
CA GLY A 324 7.85 48.98 41.58
C GLY A 324 9.06 49.48 40.80
N ALA A 325 9.00 50.73 40.35
CA ALA A 325 10.14 51.32 39.65
C ALA A 325 10.13 52.84 39.79
N ILE A 326 11.33 53.42 39.83
CA ILE A 326 11.49 54.87 39.80
C ILE A 326 12.04 55.27 38.44
N SER A 327 11.30 56.15 37.76
CA SER A 327 11.67 56.72 36.46
C SER A 327 13.04 57.35 36.52
N ARG A 328 13.89 57.07 35.53
CA ARG A 328 15.24 57.63 35.51
C ARG A 328 15.20 59.06 34.97
N GLU A 329 14.21 59.31 34.12
CA GLU A 329 13.98 60.63 33.55
C GLU A 329 13.42 61.61 34.58
N THR A 330 12.43 61.18 35.37
CA THR A 330 11.64 62.11 36.19
C THR A 330 11.60 61.83 37.70
N GLN A 331 12.23 60.76 38.15
CA GLN A 331 12.26 60.42 39.59
C GLN A 331 10.86 60.16 40.21
N ASN A 332 9.85 59.81 39.41
CA ASN A 332 8.52 59.53 39.95
C ASN A 332 8.36 58.03 40.24
N GLY A 333 7.76 57.70 41.40
CA GLY A 333 7.56 56.30 41.81
C GLY A 333 6.27 55.67 41.31
N TYR A 334 6.38 54.48 40.71
CA TYR A 334 5.22 53.71 40.24
C TYR A 334 5.25 52.28 40.75
N TYR A 335 4.11 51.73 41.18
CA TYR A 335 4.06 50.36 41.67
C TYR A 335 2.70 49.65 41.62
N VAL A 336 2.72 48.34 41.36
CA VAL A 336 1.52 47.52 41.33
C VAL A 336 1.18 47.23 42.77
N LYS A 337 -0.09 47.36 43.13
CA LYS A 337 -0.53 47.13 44.50
C LYS A 337 -1.05 45.71 44.69
N SER A 338 -1.53 45.10 43.61
CA SER A 338 -2.04 43.73 43.68
C SER A 338 -2.05 43.09 42.31
N TYR A 339 -1.91 41.76 42.28
CA TYR A 339 -1.93 41.04 41.02
C TYR A 339 -2.54 39.67 41.10
N LYS A 340 -2.82 39.12 39.92
CA LYS A 340 -3.23 37.73 39.77
C LYS A 340 -2.17 36.95 38.98
N LEU A 341 -2.30 35.63 39.02
CA LEU A 341 -1.30 34.75 38.46
C LEU A 341 -1.97 33.76 37.52
N GLU A 342 -1.58 33.78 36.24
CA GLU A 342 -2.04 32.81 35.26
C GLU A 342 -0.85 31.92 34.96
N VAL A 343 -1.04 30.60 34.98
CA VAL A 343 0.02 29.71 34.50
C VAL A 343 -0.44 28.84 33.34
N SER A 344 0.52 28.28 32.60
CA SER A 344 0.20 27.41 31.45
C SER A 344 1.39 26.53 31.06
N THR A 345 1.10 25.31 30.63
CA THR A 345 2.14 24.39 30.20
C THR A 345 2.49 24.55 28.70
N ASN A 346 1.70 25.32 27.96
CA ASN A 346 1.89 25.45 26.50
C ASN A 346 1.74 26.86 25.91
N GLY A 347 1.25 27.80 26.70
CA GLY A 347 1.16 29.19 26.27
C GLY A 347 -0.17 29.49 25.63
N GLU A 348 -1.02 28.47 25.58
CA GLU A 348 -2.33 28.53 24.93
C GLU A 348 -3.49 28.27 25.92
N ASP A 349 -3.32 27.27 26.79
CA ASP A 349 -4.33 26.92 27.79
C ASP A 349 -3.92 27.41 29.19
N TRP A 350 -4.67 28.40 29.72
CA TRP A 350 -4.27 29.14 30.92
C TRP A 350 -5.12 28.86 32.16
N MET A 351 -4.51 28.95 33.34
CA MET A 351 -5.22 28.81 34.60
C MET A 351 -4.83 29.92 35.58
N VAL A 352 -5.84 30.61 36.09
CA VAL A 352 -5.69 31.63 37.10
C VAL A 352 -5.64 31.00 38.48
N TYR A 353 -4.50 31.15 39.18
CA TYR A 353 -4.29 30.58 40.51
C TYR A 353 -5.47 30.89 41.40
N ARG A 354 -5.85 29.94 42.26
CA ARG A 354 -7.05 30.09 43.09
C ARG A 354 -6.77 29.94 44.59
N HIS A 355 -7.61 30.58 45.40
CA HIS A 355 -7.58 30.44 46.86
C HIS A 355 -8.96 29.95 47.34
N GLY A 356 -9.18 28.65 47.23
CA GLY A 356 -10.49 28.08 47.45
C GLY A 356 -11.34 28.25 46.19
N LYS A 357 -12.47 28.93 46.34
CA LYS A 357 -13.44 29.10 45.24
C LYS A 357 -12.96 30.05 44.15
N ASN A 358 -12.54 31.25 44.56
CA ASN A 358 -12.34 32.36 43.62
C ASN A 358 -10.86 32.60 43.33
N HIS A 359 -10.58 33.52 42.42
CA HIS A 359 -9.20 33.89 42.08
C HIS A 359 -8.46 34.41 43.31
N LYS A 360 -7.17 34.11 43.39
CA LYS A 360 -6.32 34.63 44.45
C LYS A 360 -5.76 35.95 43.98
N VAL A 361 -5.99 37.00 44.76
CA VAL A 361 -5.37 38.29 44.50
C VAL A 361 -4.24 38.41 45.49
N PHE A 362 -3.03 38.59 44.97
CA PHE A 362 -1.86 38.79 45.81
C PHE A 362 -1.72 40.27 46.16
N GLN A 363 -1.41 40.57 47.41
CA GLN A 363 -1.01 41.90 47.81
C GLN A 363 0.45 42.14 47.45
N ALA A 364 0.71 43.19 46.67
CA ALA A 364 2.05 43.49 46.17
C ALA A 364 2.67 44.65 46.96
N ASN A 365 3.13 45.68 46.25
CA ASN A 365 3.99 46.72 46.84
C ASN A 365 3.25 47.94 47.40
N ASN A 366 3.92 48.66 48.30
CA ASN A 366 3.42 49.92 48.90
C ASN A 366 4.38 51.11 48.74
N ASP A 367 5.40 50.97 47.90
CA ASP A 367 6.31 52.05 47.51
C ASP A 367 7.04 51.55 46.29
N ALA A 368 7.99 52.30 45.73
CA ALA A 368 8.57 51.91 44.44
C ALA A 368 9.82 51.04 44.55
N THR A 369 10.35 50.86 45.75
CA THR A 369 11.64 50.16 45.91
C THR A 369 11.66 48.89 46.78
N GLU A 370 10.76 48.74 47.75
CA GLU A 370 10.71 47.50 48.56
C GLU A 370 10.40 46.30 47.70
N VAL A 371 10.89 45.15 48.13
CA VAL A 371 10.57 43.90 47.48
C VAL A 371 9.55 43.20 48.36
N VAL A 372 8.52 42.66 47.75
CA VAL A 372 7.49 41.97 48.51
C VAL A 372 7.37 40.63 47.90
N LEU A 373 7.57 39.62 48.73
CA LEU A 373 7.71 38.24 48.30
C LEU A 373 6.45 37.49 48.72
N ASN A 374 5.78 36.87 47.75
CA ASN A 374 4.58 36.08 48.00
C ASN A 374 4.87 34.62 47.77
N LYS A 375 4.84 33.81 48.83
CA LYS A 375 4.99 32.37 48.66
C LYS A 375 3.63 31.82 48.27
N LEU A 376 3.57 31.04 47.20
CA LEU A 376 2.37 30.27 46.88
C LEU A 376 2.13 29.30 48.00
N HIS A 377 0.90 29.24 48.50
CA HIS A 377 0.54 28.24 49.50
C HIS A 377 0.53 26.86 48.85
N ALA A 378 0.23 26.84 47.56
CA ALA A 378 0.22 25.62 46.75
C ALA A 378 1.26 25.74 45.64
N PRO A 379 2.40 25.02 45.78
CA PRO A 379 3.39 25.00 44.71
C PRO A 379 2.80 24.53 43.38
N LEU A 380 3.24 25.13 42.29
CA LEU A 380 2.67 24.98 40.97
C LEU A 380 3.69 24.42 39.97
N LEU A 381 3.29 23.42 39.20
CA LEU A 381 4.10 22.89 38.09
C LEU A 381 3.66 23.52 36.78
N THR A 382 4.55 24.27 36.13
CA THR A 382 4.15 25.09 35.00
C THR A 382 5.32 25.39 34.07
N ARG A 383 5.03 26.06 32.96
CA ARG A 383 6.08 26.50 32.04
C ARG A 383 6.05 28.01 31.76
N PHE A 384 4.87 28.52 31.46
CA PHE A 384 4.67 29.95 31.24
C PHE A 384 4.01 30.55 32.49
N VAL A 385 4.45 31.74 32.89
CA VAL A 385 3.83 32.48 33.98
C VAL A 385 3.41 33.86 33.52
N ARG A 386 2.22 34.28 33.92
CA ARG A 386 1.74 35.66 33.68
C ARG A 386 1.37 36.39 34.97
N ILE A 387 1.96 37.57 35.17
CA ILE A 387 1.56 38.48 36.25
C ILE A 387 0.57 39.50 35.68
N ARG A 388 -0.59 39.64 36.33
CA ARG A 388 -1.66 40.53 35.86
C ARG A 388 -1.99 41.52 36.94
N PRO A 389 -1.49 42.76 36.83
CA PRO A 389 -1.78 43.76 37.85
C PRO A 389 -3.26 44.11 37.95
N GLN A 390 -3.74 44.28 39.18
CA GLN A 390 -5.15 44.56 39.42
C GLN A 390 -5.33 45.98 39.94
N THR A 391 -4.53 46.37 40.92
CA THR A 391 -4.49 47.76 41.35
C THR A 391 -3.04 48.26 41.33
N TRP A 392 -2.89 49.59 41.35
CA TRP A 392 -1.57 50.22 41.23
C TRP A 392 -1.62 51.66 41.73
N HIS A 393 -0.45 52.25 41.88
CA HIS A 393 -0.32 53.61 42.34
C HIS A 393 0.37 54.39 41.25
N SER A 394 -0.30 55.44 40.75
CA SER A 394 0.20 56.29 39.67
C SER A 394 0.41 55.59 38.32
N GLY A 395 0.65 54.28 38.32
CA GLY A 395 0.82 53.53 37.09
C GLY A 395 1.30 52.11 37.33
N ILE A 396 1.21 51.27 36.30
CA ILE A 396 1.75 49.92 36.38
C ILE A 396 3.22 49.94 36.02
N ALA A 397 4.06 49.55 36.96
CA ALA A 397 5.46 49.30 36.65
C ALA A 397 5.96 48.13 37.50
N LEU A 398 6.51 47.11 36.85
CA LEU A 398 6.98 45.90 37.53
C LEU A 398 8.44 45.62 37.31
N ARG A 399 9.06 45.12 38.36
CA ARG A 399 10.25 44.31 38.25
C ARG A 399 9.97 43.09 39.08
N LEU A 400 10.59 41.98 38.74
CA LEU A 400 10.07 40.67 39.11
C LEU A 400 11.16 39.66 39.35
N GLU A 401 10.97 38.81 40.34
CA GLU A 401 11.73 37.57 40.40
C GLU A 401 10.75 36.42 40.57
N LEU A 402 11.15 35.24 40.11
CA LEU A 402 10.41 34.03 40.32
C LEU A 402 11.32 33.06 41.05
N PHE A 403 10.74 32.30 41.97
CA PHE A 403 11.50 31.33 42.69
C PHE A 403 10.92 29.95 42.42
N GLY A 404 11.75 28.94 42.49
CA GLY A 404 11.27 27.59 42.39
C GLY A 404 12.36 26.56 42.32
N CYS A 405 12.12 25.52 41.53
CA CYS A 405 13.13 24.54 41.19
C CYS A 405 12.59 23.59 40.14
N ARG A 406 13.48 22.75 39.62
CA ARG A 406 13.07 21.75 38.64
C ARG A 406 12.67 20.44 39.30
N VAL A 407 11.68 19.78 38.70
CA VAL A 407 11.26 18.43 39.09
C VAL A 407 12.41 17.50 39.41
N THR A 408 13.44 17.53 38.58
CA THR A 408 14.59 16.65 38.74
C THR A 408 15.55 17.07 39.86
N ASP A 409 15.16 18.02 40.71
CA ASP A 409 16.03 18.42 41.82
C ASP A 409 15.90 17.49 43.03
N ALA A 410 14.87 16.67 43.04
CA ALA A 410 14.70 15.68 44.10
C ALA A 410 15.42 14.38 43.73
N PRO A 411 15.97 13.67 44.73
CA PRO A 411 16.60 12.37 44.46
C PRO A 411 15.71 11.46 43.62
N CYS A 412 16.34 10.66 42.75
CA CYS A 412 15.65 9.70 41.89
C CYS A 412 14.26 10.18 41.48
N SER A 413 14.24 11.14 40.57
CA SER A 413 13.00 11.80 40.20
C SER A 413 13.03 12.25 38.73
N ASN A 414 13.66 11.44 37.89
CA ASN A 414 13.81 11.77 36.49
C ASN A 414 12.50 11.52 35.76
N MET A 415 12.24 12.35 34.75
CA MET A 415 11.10 12.13 33.88
C MET A 415 11.46 10.98 32.94
N LEU A 416 10.67 9.92 32.96
CA LEU A 416 11.07 8.66 32.36
C LEU A 416 10.79 8.57 30.86
N GLY A 417 10.12 9.57 30.29
CA GLY A 417 10.10 9.71 28.82
C GLY A 417 8.78 9.84 28.08
N MET A 418 7.67 9.99 28.79
CA MET A 418 6.39 10.30 28.14
C MET A 418 6.45 11.68 27.48
N LEU A 419 6.91 12.68 28.24
CA LEU A 419 6.99 14.06 27.76
C LEU A 419 7.95 14.20 26.57
N SER A 420 9.10 13.55 26.64
CA SER A 420 10.17 13.80 25.69
C SER A 420 10.02 13.05 24.39
N GLY A 421 9.49 11.82 24.48
CA GLY A 421 9.47 10.90 23.34
C GLY A 421 10.35 9.68 23.55
N LEU A 422 11.10 9.66 24.66
CA LEU A 422 12.02 8.56 24.96
C LEU A 422 11.29 7.24 25.24
N ILE A 423 10.01 7.33 25.59
CA ILE A 423 9.13 6.15 25.65
C ILE A 423 8.24 6.17 24.42
N ALA A 424 8.60 5.35 23.42
CA ALA A 424 7.93 5.36 22.11
C ALA A 424 6.44 5.05 22.17
N ASP A 425 5.71 5.53 21.16
CA ASP A 425 4.27 5.26 21.00
C ASP A 425 3.92 3.80 21.30
N SER A 426 4.74 2.90 20.77
CA SER A 426 4.55 1.46 20.88
C SER A 426 4.80 0.89 22.29
N GLN A 427 5.06 1.76 23.26
CA GLN A 427 5.23 1.36 24.66
C GLN A 427 4.08 1.84 25.56
N ILE A 428 3.16 2.61 24.99
CA ILE A 428 2.01 3.14 25.72
C ILE A 428 0.76 2.36 25.33
N SER A 429 0.15 1.68 26.30
CA SER A 429 -1.10 0.94 26.07
C SER A 429 -2.24 1.54 26.89
N ALA A 430 -3.46 1.35 26.41
CA ALA A 430 -4.66 1.82 27.10
C ALA A 430 -5.72 0.72 27.07
N SER A 431 -6.45 0.60 28.18
CA SER A 431 -7.54 -0.37 28.30
C SER A 431 -8.47 -0.33 27.09
N SER A 432 -8.85 0.87 26.67
CA SER A 432 -9.81 1.07 25.59
C SER A 432 -9.83 2.54 25.16
N THR A 433 -9.59 2.80 23.88
CA THR A 433 -9.71 4.15 23.34
C THR A 433 -11.09 4.35 22.74
N GLN A 434 -11.41 5.58 22.35
CA GLN A 434 -12.63 5.86 21.56
C GLN A 434 -12.28 6.21 20.12
N GLU A 435 -11.31 5.49 19.55
CA GLU A 435 -10.76 5.81 18.23
C GLU A 435 -10.19 4.56 17.53
N TRP A 438 -5.79 4.94 16.41
CA TRP A 438 -5.47 5.75 17.58
C TRP A 438 -4.01 6.21 17.57
N SER A 439 -3.75 7.38 18.15
CA SER A 439 -2.39 7.91 18.34
C SER A 439 -2.03 7.86 19.82
N PRO A 440 -1.08 6.96 20.20
CA PRO A 440 -0.62 6.89 21.60
C PRO A 440 0.09 8.17 22.09
N SER A 441 0.68 8.92 21.17
CA SER A 441 1.30 10.22 21.46
C SER A 441 0.34 11.22 22.11
N ALA A 442 -0.97 10.99 22.01
CA ALA A 442 -1.96 11.86 22.63
C ALA A 442 -2.03 11.68 24.15
N ALA A 443 -1.43 10.61 24.69
CA ALA A 443 -1.39 10.42 26.14
C ALA A 443 -0.28 11.22 26.86
N ARG A 444 0.63 11.84 26.10
CA ARG A 444 1.88 12.39 26.66
C ARG A 444 1.67 13.65 27.48
N LEU A 445 2.37 13.73 28.60
CA LEU A 445 2.33 14.93 29.43
C LEU A 445 2.80 16.11 28.60
N VAL A 446 1.95 17.12 28.50
CA VAL A 446 2.26 18.43 27.89
C VAL A 446 2.40 18.40 26.37
N SER A 447 3.28 17.53 25.88
CA SER A 447 3.48 17.33 24.46
C SER A 447 2.17 17.18 23.70
N SER A 448 1.36 16.22 24.14
CA SER A 448 0.07 15.95 23.50
C SER A 448 -0.78 17.20 23.32
N ARG A 449 -1.56 17.23 22.24
CA ARG A 449 -2.49 18.34 21.99
C ARG A 449 -3.94 17.98 22.33
N SER A 450 -4.16 16.73 22.77
CA SER A 450 -5.48 16.27 23.17
C SER A 450 -5.42 15.64 24.55
N GLY A 451 -5.22 14.34 24.61
CA GLY A 451 -5.36 13.57 25.84
C GLY A 451 -5.93 12.20 25.56
N TRP A 452 -5.73 11.28 26.49
CA TRP A 452 -6.33 9.95 26.36
C TRP A 452 -7.74 9.97 26.88
N PHE A 453 -8.69 9.62 26.02
CA PHE A 453 -10.07 9.36 26.42
C PHE A 453 -10.35 7.87 26.28
N PRO A 454 -11.13 7.30 27.20
CA PRO A 454 -11.49 5.90 27.09
C PRO A 454 -12.51 5.68 25.97
N ARG A 455 -13.03 4.46 25.83
CA ARG A 455 -14.04 4.19 24.80
C ARG A 455 -15.37 4.83 25.17
N ILE A 456 -15.86 4.48 26.36
CA ILE A 456 -17.05 5.08 26.94
C ILE A 456 -16.58 6.18 27.87
N PRO A 457 -16.75 7.46 27.46
CA PRO A 457 -16.26 8.62 28.23
C PRO A 457 -16.58 8.56 29.73
N GLN A 458 -17.80 8.16 30.06
CA GLN A 458 -18.31 8.16 31.44
C GLN A 458 -18.33 6.73 32.01
N ALA A 459 -17.15 6.13 32.14
CA ALA A 459 -17.04 4.69 32.47
C ALA A 459 -17.30 4.36 33.93
N GLN A 460 -17.01 3.11 34.31
CA GLN A 460 -17.14 2.67 35.70
C GLN A 460 -15.78 2.75 36.38
N PRO A 461 -15.76 3.13 37.68
CA PRO A 461 -14.52 3.35 38.40
C PRO A 461 -13.73 2.08 38.68
N GLY A 462 -12.39 2.17 38.57
CA GLY A 462 -11.51 1.02 38.80
C GLY A 462 -11.51 0.02 37.67
N GLU A 463 -12.19 0.35 36.56
CA GLU A 463 -12.32 -0.57 35.43
C GLU A 463 -11.47 -0.12 34.23
N GLU A 464 -11.38 1.19 34.00
CA GLU A 464 -10.55 1.74 32.92
C GLU A 464 -9.13 2.09 33.42
N TRP A 465 -8.15 1.92 32.55
CA TRP A 465 -6.74 2.13 32.91
C TRP A 465 -5.87 2.55 31.73
N LEU A 466 -4.70 3.13 32.08
CA LEU A 466 -3.71 3.59 31.12
C LEU A 466 -2.33 3.10 31.55
N GLN A 467 -1.55 2.60 30.59
CA GLN A 467 -0.36 1.82 30.91
C GLN A 467 0.86 2.23 30.08
N VAL A 468 1.97 2.37 30.79
CA VAL A 468 3.26 2.68 30.19
C VAL A 468 4.15 1.45 30.28
N ASP A 469 4.90 1.17 29.21
CA ASP A 469 5.94 0.17 29.24
C ASP A 469 7.28 0.91 29.27
N LEU A 470 7.89 0.96 30.44
CA LEU A 470 9.15 1.68 30.61
C LEU A 470 10.25 1.03 29.77
N GLY A 471 10.06 -0.25 29.44
CA GLY A 471 10.98 -0.97 28.57
C GLY A 471 12.17 -1.54 29.33
N THR A 472 12.14 -1.42 30.66
CA THR A 472 13.15 -1.99 31.52
C THR A 472 12.68 -1.87 32.97
N PRO A 473 13.09 -2.82 33.84
CA PRO A 473 12.94 -2.61 35.28
C PRO A 473 13.55 -1.28 35.76
N LYS A 474 12.74 -0.47 36.44
CA LYS A 474 13.15 0.82 36.97
C LYS A 474 12.70 0.95 38.41
N THR A 475 13.28 1.88 39.16
CA THR A 475 12.71 2.34 40.43
C THR A 475 11.74 3.47 40.11
N VAL A 476 10.49 3.33 40.51
CA VAL A 476 9.46 4.32 40.21
C VAL A 476 9.04 5.03 41.49
N LYS A 477 9.19 6.36 41.52
CA LYS A 477 8.97 7.15 42.72
C LYS A 477 7.73 8.03 42.64
N GLY A 478 7.19 8.23 41.44
CA GLY A 478 5.93 8.96 41.32
C GLY A 478 5.37 9.01 39.91
N VAL A 479 4.29 9.75 39.75
CA VAL A 479 3.82 10.14 38.43
C VAL A 479 3.36 11.58 38.42
N ILE A 480 3.24 12.14 37.22
CA ILE A 480 2.68 13.48 37.01
C ILE A 480 1.45 13.33 36.14
N ILE A 481 0.29 13.71 36.68
CA ILE A 481 -0.97 13.59 35.98
C ILE A 481 -1.43 14.95 35.48
N GLN A 482 -2.00 14.96 34.28
CA GLN A 482 -2.54 16.15 33.64
C GLN A 482 -3.92 15.76 33.08
N GLY A 483 -4.74 16.77 32.77
CA GLY A 483 -6.02 16.54 32.10
C GLY A 483 -5.86 16.46 30.60
N ALA A 484 -6.85 16.95 29.86
CA ALA A 484 -6.87 16.86 28.41
C ALA A 484 -7.69 17.98 27.81
N ARG A 485 -7.31 18.46 26.63
CA ARG A 485 -8.16 19.38 25.85
C ARG A 485 -9.01 18.62 24.84
N ALA A 495 -13.07 19.77 24.17
CA ALA A 495 -13.50 18.73 25.10
C ALA A 495 -12.61 18.70 26.35
N ARG A 496 -12.93 19.56 27.32
CA ARG A 496 -12.09 19.74 28.52
C ARG A 496 -12.57 18.89 29.69
N ALA A 497 -11.73 17.93 30.10
CA ALA A 497 -12.04 17.03 31.22
C ALA A 497 -10.77 16.53 31.89
N PHE A 498 -10.90 16.02 33.11
CA PHE A 498 -9.75 15.57 33.87
C PHE A 498 -10.08 14.61 35.02
N VAL A 499 -9.15 13.70 35.30
CA VAL A 499 -9.27 12.81 36.45
C VAL A 499 -9.19 13.59 37.77
N ARG A 500 -10.05 13.22 38.72
CA ARG A 500 -10.05 13.83 40.06
C ARG A 500 -9.37 12.92 41.09
N LYS A 501 -9.58 11.62 40.97
CA LYS A 501 -8.91 10.65 41.84
C LYS A 501 -8.46 9.44 41.02
N PHE A 502 -7.42 8.76 41.50
CA PHE A 502 -6.95 7.54 40.85
C PHE A 502 -6.23 6.57 41.79
N LYS A 503 -6.09 5.33 41.32
CA LYS A 503 -5.24 4.33 41.95
C LYS A 503 -4.08 4.07 40.99
N VAL A 504 -3.06 3.38 41.49
CA VAL A 504 -1.90 3.04 40.66
C VAL A 504 -1.46 1.60 40.90
N SER A 505 -1.21 0.85 39.81
CA SER A 505 -0.63 -0.49 39.91
C SER A 505 0.64 -0.60 39.08
N TYR A 506 1.45 -1.61 39.38
CA TYR A 506 2.76 -1.79 38.77
C TYR A 506 3.09 -3.26 38.58
N SER A 507 4.02 -3.54 37.66
CA SER A 507 4.43 -4.90 37.32
C SER A 507 5.82 -4.95 36.71
N LEU A 508 6.52 -6.05 36.95
CA LEU A 508 7.71 -6.41 36.18
C LEU A 508 7.31 -7.14 34.90
N ASN A 509 6.28 -7.99 35.00
CA ASN A 509 5.94 -8.95 33.93
C ASN A 509 4.99 -8.39 32.88
N GLY A 510 3.76 -8.06 33.28
CA GLY A 510 2.69 -7.70 32.36
C GLY A 510 1.34 -8.26 32.77
N LYS A 511 1.36 -9.42 33.42
CA LYS A 511 0.14 -10.06 33.95
C LYS A 511 0.01 -10.00 35.48
N ASP A 512 1.13 -9.84 36.19
CA ASP A 512 1.10 -9.76 37.67
C ASP A 512 1.04 -8.31 38.11
N TRP A 513 0.12 -7.99 39.03
CA TRP A 513 -0.17 -6.60 39.40
C TRP A 513 -0.39 -6.39 40.89
N GLU A 514 0.40 -5.51 41.50
CA GLU A 514 0.16 -5.01 42.84
C GLU A 514 -0.32 -3.56 42.75
N TYR A 515 -1.27 -3.19 43.63
CA TYR A 515 -1.67 -1.80 43.79
C TYR A 515 -0.85 -1.19 44.92
N ILE A 516 -0.56 0.10 44.83
CA ILE A 516 0.08 0.83 45.92
C ILE A 516 -0.89 0.93 47.08
N GLN A 517 -0.45 0.48 48.25
CA GLN A 517 -1.33 0.36 49.41
C GLN A 517 -1.16 1.55 50.36
N ASP A 518 -2.29 2.03 50.89
CA ASP A 518 -2.26 2.95 52.01
C ASP A 518 -2.06 2.10 53.28
N PRO A 519 -0.97 2.34 54.03
CA PRO A 519 -0.80 1.60 55.28
C PRO A 519 -1.83 1.93 56.39
N ARG A 520 -2.74 2.87 56.11
CA ARG A 520 -3.82 3.22 57.05
C ARG A 520 -5.08 2.40 56.78
N THR A 521 -5.57 2.44 55.55
CA THR A 521 -6.79 1.72 55.16
C THR A 521 -6.50 0.25 54.83
N GLN A 522 -5.28 -0.05 54.38
CA GLN A 522 -4.89 -1.37 53.85
C GLN A 522 -5.67 -1.77 52.60
N GLN A 523 -6.34 -0.79 51.99
CA GLN A 523 -6.91 -0.91 50.65
C GLN A 523 -5.94 -0.14 49.73
N PRO A 524 -6.06 -0.35 48.40
CA PRO A 524 -5.26 0.45 47.47
C PRO A 524 -5.40 1.95 47.75
N LYS A 525 -4.28 2.69 47.75
CA LYS A 525 -4.30 4.12 48.06
C LYS A 525 -4.96 4.95 46.96
N LEU A 526 -5.88 5.82 47.35
CA LEU A 526 -6.54 6.76 46.46
C LEU A 526 -5.76 8.09 46.36
N PHE A 527 -5.11 8.30 45.22
CA PHE A 527 -4.39 9.55 44.96
C PHE A 527 -5.36 10.66 44.53
N GLU A 528 -4.91 11.91 44.70
CA GLU A 528 -5.60 13.09 44.18
C GLU A 528 -5.23 13.30 42.71
N GLY A 529 -6.20 13.63 41.88
CA GLY A 529 -5.94 13.92 40.46
C GLY A 529 -5.62 15.39 40.20
N ASN A 530 -6.41 16.03 39.34
CA ASN A 530 -6.24 17.45 39.01
C ASN A 530 -7.46 18.27 39.38
N MET A 531 -7.27 19.59 39.39
CA MET A 531 -8.36 20.55 39.55
C MET A 531 -8.51 21.39 38.27
N HIS A 532 -7.91 20.94 37.18
CA HIS A 532 -7.85 21.72 35.95
C HIS A 532 -7.33 20.86 34.81
N TYR A 533 -7.75 21.19 33.59
CA TYR A 533 -7.42 20.35 32.46
C TYR A 533 -6.00 20.48 31.91
N ASP A 534 -5.27 21.54 32.28
CA ASP A 534 -3.89 21.73 31.79
C ASP A 534 -2.84 21.65 32.89
N THR A 535 -3.09 22.32 34.01
CA THR A 535 -2.10 22.48 35.05
C THR A 535 -1.85 21.15 35.76
N PRO A 536 -0.71 20.53 35.47
CA PRO A 536 -0.47 19.18 35.94
C PRO A 536 -0.22 19.16 37.44
N ASP A 537 -0.24 17.97 38.01
CA ASP A 537 0.00 17.75 39.45
C ASP A 537 0.87 16.49 39.65
N ILE A 538 1.80 16.58 40.59
CA ILE A 538 2.82 15.55 40.80
C ILE A 538 2.53 14.76 42.07
N ARG A 539 2.36 13.44 41.95
CA ARG A 539 2.16 12.60 43.15
C ARG A 539 3.34 11.68 43.36
N ARG A 540 3.91 11.71 44.56
CA ARG A 540 5.05 10.87 44.90
C ARG A 540 4.59 9.71 45.75
N PHE A 541 5.31 8.60 45.66
CA PHE A 541 5.03 7.44 46.50
C PHE A 541 6.31 6.71 46.80
N ASP A 542 6.27 5.84 47.80
CA ASP A 542 7.46 5.10 48.23
C ASP A 542 8.07 4.35 47.03
N PRO A 543 9.40 4.20 47.01
CA PRO A 543 10.01 3.58 45.83
C PRO A 543 9.61 2.11 45.62
N ILE A 544 9.36 1.75 44.36
CA ILE A 544 8.93 0.41 43.98
C ILE A 544 9.62 -0.03 42.69
N PRO A 545 9.79 -1.35 42.50
CA PRO A 545 10.30 -1.84 41.22
C PRO A 545 9.16 -2.08 40.23
N ALA A 546 9.37 -1.67 38.96
CA ALA A 546 8.36 -1.85 37.92
C ALA A 546 8.91 -1.49 36.53
N GLN A 547 8.49 -2.25 35.53
CA GLN A 547 8.75 -1.93 34.12
C GLN A 547 7.47 -1.44 33.45
N TYR A 548 6.33 -1.90 33.97
CA TYR A 548 5.02 -1.47 33.50
C TYR A 548 4.29 -0.77 34.65
N VAL A 549 3.70 0.39 34.38
CA VAL A 549 2.89 1.09 35.38
C VAL A 549 1.51 1.41 34.84
N ARG A 550 0.51 1.34 35.71
CA ARG A 550 -0.89 1.60 35.33
C ARG A 550 -1.57 2.58 36.26
N VAL A 551 -2.48 3.39 35.70
CA VAL A 551 -3.24 4.37 36.47
C VAL A 551 -4.74 4.18 36.24
N TYR A 552 -5.47 3.99 37.34
CA TYR A 552 -6.90 3.67 37.31
C TYR A 552 -7.75 4.83 37.86
N PRO A 553 -8.34 5.65 36.98
CA PRO A 553 -9.29 6.71 37.39
C PRO A 553 -10.42 6.22 38.30
N GLU A 554 -10.69 6.96 39.38
CA GLU A 554 -11.74 6.58 40.33
C GLU A 554 -12.90 7.58 40.35
N ARG A 555 -12.58 8.86 40.48
CA ARG A 555 -13.53 9.96 40.21
C ARG A 555 -12.94 10.83 39.10
N TRP A 556 -13.76 11.70 38.51
CA TRP A 556 -13.34 12.52 37.38
C TRP A 556 -14.31 13.66 37.13
N SER A 557 -14.04 14.44 36.09
CA SER A 557 -14.84 15.61 35.76
C SER A 557 -16.07 15.25 34.91
N PRO A 558 -17.11 16.09 34.98
CA PRO A 558 -18.30 15.97 34.13
C PRO A 558 -18.05 15.41 32.72
N ALA A 559 -17.21 16.09 31.93
CA ALA A 559 -17.07 15.78 30.51
C ALA A 559 -16.57 14.36 30.22
N GLY A 560 -15.80 13.80 31.15
CA GLY A 560 -15.38 12.41 31.07
C GLY A 560 -14.04 12.14 31.73
N ILE A 561 -13.32 11.16 31.21
CA ILE A 561 -11.99 10.83 31.67
C ILE A 561 -11.00 11.33 30.63
N GLY A 562 -10.46 12.51 30.86
CA GLY A 562 -9.35 13.06 30.08
C GLY A 562 -8.07 12.84 30.85
N MET A 563 -6.99 12.52 30.15
CA MET A 563 -5.73 12.25 30.82
C MET A 563 -4.52 12.34 29.89
N ARG A 564 -3.52 13.10 30.32
CA ARG A 564 -2.16 12.99 29.81
C ARG A 564 -1.30 12.58 31.00
N LEU A 565 -0.15 11.96 30.78
CA LEU A 565 0.60 11.36 31.89
C LEU A 565 2.10 11.24 31.66
N GLU A 566 2.86 11.24 32.77
CA GLU A 566 4.31 10.99 32.77
C GLU A 566 4.67 10.23 34.06
N VAL A 567 5.74 9.46 34.02
CA VAL A 567 6.16 8.65 35.17
C VAL A 567 7.54 9.06 35.67
N LEU A 568 7.73 9.05 36.98
CA LEU A 568 8.97 9.55 37.60
C LEU A 568 9.71 8.43 38.35
N GLY A 569 11.02 8.36 38.13
CA GLY A 569 11.86 7.37 38.82
C GLY A 569 13.31 7.43 38.39
N CYS A 570 13.98 6.28 38.44
CA CYS A 570 15.36 6.16 37.94
C CYS A 570 15.71 4.69 37.68
N ASP A 571 16.95 4.44 37.29
CA ASP A 571 17.46 3.07 37.14
C ASP A 571 17.90 2.49 38.49
N TRP A 572 17.98 1.16 38.56
CA TRP A 572 18.38 0.46 39.80
C TRP A 572 19.80 0.79 40.25
N GLU B 1 -10.84 -2.62 -37.10
CA GLU B 1 -9.78 -3.65 -36.98
C GLU B 1 -8.90 -3.37 -35.78
N VAL B 2 -9.20 -4.02 -34.66
CA VAL B 2 -8.28 -4.14 -33.55
C VAL B 2 -7.55 -5.44 -33.79
N GLN B 3 -6.22 -5.44 -33.65
CA GLN B 3 -5.41 -6.64 -33.78
C GLN B 3 -4.39 -6.68 -32.65
N LEU B 4 -4.10 -7.87 -32.15
CA LEU B 4 -3.05 -8.06 -31.17
C LEU B 4 -2.27 -9.27 -31.62
N VAL B 5 -0.96 -9.11 -31.82
CA VAL B 5 -0.15 -10.20 -32.33
C VAL B 5 1.01 -10.43 -31.40
N GLU B 6 1.02 -11.61 -30.77
CA GLU B 6 2.08 -11.98 -29.85
C GLU B 6 3.23 -12.56 -30.62
N SER B 7 4.44 -12.38 -30.08
CA SER B 7 5.66 -12.94 -30.66
C SER B 7 6.70 -13.08 -29.56
N GLY B 8 7.69 -13.91 -29.79
CA GLY B 8 8.76 -14.11 -28.81
C GLY B 8 8.77 -15.52 -28.28
N GLY B 9 7.68 -16.24 -28.49
CA GLY B 9 7.56 -17.59 -27.97
C GLY B 9 8.56 -18.55 -28.59
N GLY B 10 8.96 -19.55 -27.82
CA GLY B 10 9.85 -20.57 -28.32
C GLY B 10 10.38 -21.44 -27.22
N LEU B 11 11.46 -22.14 -27.53
CA LEU B 11 12.11 -23.04 -26.61
C LEU B 11 13.07 -22.24 -25.72
N VAL B 12 13.13 -22.59 -24.43
CA VAL B 12 14.00 -21.88 -23.50
C VAL B 12 14.40 -22.79 -22.35
N GLN B 13 15.69 -22.88 -22.07
CA GLN B 13 16.20 -23.73 -20.99
C GLN B 13 15.59 -23.31 -19.65
N PRO B 14 15.35 -24.29 -18.74
CA PRO B 14 14.91 -23.98 -17.39
C PRO B 14 15.92 -23.09 -16.68
N GLY B 15 15.43 -22.03 -16.03
CA GLY B 15 16.30 -21.04 -15.40
C GLY B 15 16.49 -19.83 -16.29
N GLY B 16 16.40 -20.04 -17.61
CA GLY B 16 16.61 -19.00 -18.60
C GLY B 16 15.53 -17.92 -18.62
N SER B 17 15.68 -17.02 -19.57
CA SER B 17 14.81 -15.89 -19.73
C SER B 17 14.29 -15.83 -21.14
N LEU B 18 13.14 -15.18 -21.31
CA LEU B 18 12.53 -15.03 -22.62
C LEU B 18 11.65 -13.82 -22.58
N ARG B 19 11.47 -13.18 -23.73
CA ARG B 19 10.77 -11.90 -23.80
C ARG B 19 9.70 -11.93 -24.89
N LEU B 20 8.44 -11.87 -24.45
CA LEU B 20 7.29 -11.88 -25.34
C LEU B 20 6.86 -10.47 -25.69
N SER B 21 6.25 -10.32 -26.85
CA SER B 21 5.87 -9.01 -27.36
C SER B 21 4.46 -9.07 -27.91
N CYS B 22 3.72 -7.99 -27.73
CA CYS B 22 2.36 -7.93 -28.20
C CYS B 22 2.20 -6.65 -29.02
N ALA B 23 2.38 -6.77 -30.33
CA ALA B 23 2.19 -5.65 -31.23
C ALA B 23 0.71 -5.26 -31.35
N ALA B 24 0.34 -4.08 -30.88
CA ALA B 24 -1.01 -3.60 -31.16
C ALA B 24 -1.13 -2.97 -32.57
N SER B 25 -2.18 -3.34 -33.30
CA SER B 25 -2.56 -2.61 -34.51
C SER B 25 -4.02 -2.15 -34.46
N GLY B 26 -4.30 -1.01 -35.07
CA GLY B 26 -5.65 -0.50 -35.16
C GLY B 26 -5.99 0.52 -34.10
N PHE B 27 -5.33 0.44 -32.95
CA PHE B 27 -5.64 1.34 -31.84
C PHE B 27 -4.35 1.73 -31.12
N THR B 28 -4.45 2.71 -30.23
CA THR B 28 -3.26 3.21 -29.57
C THR B 28 -3.29 2.62 -28.16
N ILE B 29 -2.32 1.74 -27.84
CA ILE B 29 -2.42 0.92 -26.62
C ILE B 29 -2.44 1.72 -25.34
N SER B 30 -1.89 2.93 -25.38
CA SER B 30 -2.00 3.82 -24.22
C SER B 30 -3.49 4.10 -24.10
N GLY B 31 -3.99 4.35 -22.91
CA GLY B 31 -5.45 4.49 -22.78
C GLY B 31 -6.22 3.18 -22.94
N TYR B 32 -5.53 2.04 -22.88
CA TYR B 32 -6.19 0.78 -22.66
C TYR B 32 -5.42 0.06 -21.59
N GLY B 33 -5.94 -1.06 -21.16
CA GLY B 33 -5.22 -1.94 -20.25
C GLY B 33 -4.78 -3.11 -21.09
N ILE B 34 -3.56 -3.56 -20.91
CA ILE B 34 -3.07 -4.70 -21.64
C ILE B 34 -2.73 -5.79 -20.62
N HIS B 35 -3.36 -6.96 -20.76
CA HIS B 35 -3.21 -8.10 -19.85
C HIS B 35 -2.46 -9.24 -20.53
N TRP B 36 -1.68 -10.00 -19.77
CA TRP B 36 -1.20 -11.27 -20.25
C TRP B 36 -1.99 -12.38 -19.59
N VAL B 37 -2.41 -13.37 -20.39
CA VAL B 37 -3.13 -14.51 -19.86
C VAL B 37 -2.52 -15.74 -20.51
N ARG B 38 -2.23 -16.76 -19.70
CA ARG B 38 -1.61 -17.96 -20.21
C ARG B 38 -2.46 -19.20 -19.94
N GLN B 39 -2.16 -20.25 -20.70
CA GLN B 39 -2.91 -21.49 -20.68
C GLN B 39 -1.92 -22.62 -20.89
N ALA B 40 -1.64 -23.38 -19.83
CA ALA B 40 -0.79 -24.56 -19.94
C ALA B 40 -1.53 -25.58 -20.80
N PRO B 41 -0.79 -26.38 -21.60
CA PRO B 41 -1.46 -27.27 -22.58
C PRO B 41 -2.53 -28.15 -21.94
N GLY B 42 -3.74 -28.10 -22.48
CA GLY B 42 -4.82 -28.91 -21.98
C GLY B 42 -5.44 -28.45 -20.69
N LYS B 43 -4.96 -27.35 -20.11
CA LYS B 43 -5.51 -26.84 -18.85
C LYS B 43 -6.14 -25.46 -19.08
N GLY B 44 -6.49 -24.73 -18.03
CA GLY B 44 -7.31 -23.53 -18.16
C GLY B 44 -6.55 -22.21 -18.22
N LEU B 45 -7.31 -21.11 -18.22
CA LEU B 45 -6.74 -19.79 -18.31
C LEU B 45 -6.24 -19.29 -16.95
N GLU B 46 -5.05 -18.71 -16.93
CA GLU B 46 -4.50 -18.10 -15.75
C GLU B 46 -4.01 -16.70 -16.12
N TRP B 47 -4.56 -15.71 -15.43
CA TRP B 47 -4.16 -14.35 -15.57
C TRP B 47 -2.80 -14.15 -14.94
N VAL B 48 -1.97 -13.32 -15.57
CA VAL B 48 -0.51 -13.29 -15.32
C VAL B 48 -0.10 -11.91 -14.84
N ALA B 49 -0.37 -10.90 -15.67
CA ALA B 49 -0.04 -9.50 -15.35
C ALA B 49 -0.85 -8.53 -16.15
N TYR B 50 -0.80 -7.26 -15.77
CA TYR B 50 -1.33 -6.19 -16.63
C TYR B 50 -0.57 -4.87 -16.50
N ILE B 51 -0.86 -3.97 -17.44
CA ILE B 51 -0.24 -2.66 -17.48
C ILE B 51 -1.20 -1.70 -18.13
N TYR B 52 -1.31 -0.52 -17.54
CA TYR B 52 -2.00 0.62 -18.11
C TYR B 52 -0.92 1.64 -18.56
N PRO B 53 -0.52 1.59 -19.84
CA PRO B 53 0.59 2.38 -20.32
C PRO B 53 0.55 3.87 -19.95
N ASP B 54 -0.58 4.55 -20.10
CA ASP B 54 -0.69 5.96 -19.72
C ASP B 54 -0.13 6.21 -18.33
N SER B 55 -0.62 5.48 -17.35
CA SER B 55 -0.23 5.69 -15.94
C SER B 55 1.06 4.96 -15.55
N GLY B 56 1.32 3.83 -16.20
CA GLY B 56 2.44 2.97 -15.82
C GLY B 56 2.09 1.94 -14.77
N TYR B 57 0.79 1.81 -14.48
CA TYR B 57 0.32 1.02 -13.35
C TYR B 57 0.27 -0.42 -13.76
N THR B 58 0.97 -1.28 -13.00
CA THR B 58 1.13 -2.69 -13.32
C THR B 58 0.85 -3.55 -12.12
N ASP B 59 0.47 -4.81 -12.34
CA ASP B 59 0.38 -5.78 -11.23
C ASP B 59 0.54 -7.19 -11.73
N TYR B 60 0.70 -8.13 -10.83
CA TYR B 60 1.10 -9.48 -11.20
C TYR B 60 0.44 -10.52 -10.35
N ALA B 61 0.19 -11.67 -10.94
CA ALA B 61 -0.26 -12.83 -10.22
C ALA B 61 0.89 -13.34 -9.33
N ASP B 62 0.56 -13.76 -8.12
CA ASP B 62 1.53 -14.30 -7.17
C ASP B 62 2.43 -15.38 -7.72
N SER B 63 1.93 -16.22 -8.60
CA SER B 63 2.78 -17.28 -9.14
C SER B 63 3.95 -16.77 -10.00
N VAL B 64 3.85 -15.53 -10.50
CA VAL B 64 4.90 -14.94 -11.35
C VAL B 64 5.56 -13.68 -10.76
N LYS B 65 4.88 -13.03 -9.83
CA LYS B 65 5.43 -11.85 -9.18
C LYS B 65 6.83 -12.17 -8.66
N GLY B 66 7.77 -11.28 -8.94
CA GLY B 66 9.18 -11.58 -8.71
C GLY B 66 9.90 -11.91 -10.01
N ARG B 67 9.34 -12.80 -10.82
CA ARG B 67 10.06 -13.35 -11.95
C ARG B 67 9.78 -12.64 -13.27
N PHE B 68 8.58 -12.07 -13.40
CA PHE B 68 8.13 -11.46 -14.65
C PHE B 68 8.04 -9.97 -14.47
N THR B 69 8.35 -9.22 -15.53
CA THR B 69 8.13 -7.78 -15.50
C THR B 69 7.31 -7.41 -16.71
N ILE B 70 6.23 -6.67 -16.54
CA ILE B 70 5.47 -6.22 -17.71
C ILE B 70 5.93 -4.82 -18.08
N SER B 71 5.92 -4.46 -19.35
CA SER B 71 6.23 -3.07 -19.76
C SER B 71 5.56 -2.70 -21.07
N ALA B 72 5.49 -1.40 -21.35
CA ALA B 72 4.93 -0.93 -22.62
C ALA B 72 5.82 0.14 -23.26
N ASP B 73 5.81 0.18 -24.59
CA ASP B 73 6.49 1.23 -25.34
C ASP B 73 5.48 1.81 -26.30
N THR B 74 4.86 2.92 -25.91
CA THR B 74 3.73 3.45 -26.69
C THR B 74 4.13 4.01 -28.07
N SER B 75 5.38 4.45 -28.20
CA SER B 75 5.85 4.95 -29.50
C SER B 75 5.75 3.82 -30.52
N LYS B 76 6.16 2.62 -30.11
CA LYS B 76 6.04 1.41 -30.92
C LYS B 76 4.70 0.72 -30.72
N ASN B 77 3.85 1.26 -29.84
CA ASN B 77 2.49 0.77 -29.64
C ASN B 77 2.47 -0.74 -29.35
N THR B 78 3.51 -1.21 -28.65
CA THR B 78 3.74 -2.63 -28.33
C THR B 78 3.76 -2.78 -26.80
N ALA B 79 3.53 -3.99 -26.30
CA ALA B 79 3.74 -4.26 -24.85
C ALA B 79 4.59 -5.50 -24.70
N TYR B 80 5.24 -5.64 -23.56
CA TYR B 80 6.25 -6.70 -23.40
C TYR B 80 6.04 -7.50 -22.12
N LEU B 81 6.51 -8.74 -22.14
CA LEU B 81 6.51 -9.59 -20.95
C LEU B 81 7.86 -10.26 -20.78
N GLN B 82 8.76 -9.59 -20.09
CA GLN B 82 10.05 -10.18 -19.77
C GLN B 82 9.79 -11.25 -18.71
N MET B 83 10.23 -12.48 -18.99
CA MET B 83 10.11 -13.60 -18.09
C MET B 83 11.48 -14.08 -17.63
N ASN B 84 11.63 -14.34 -16.34
CA ASN B 84 12.91 -14.86 -15.81
C ASN B 84 12.74 -16.09 -14.92
N SER B 85 13.87 -16.74 -14.63
CA SER B 85 13.93 -17.91 -13.73
C SER B 85 12.83 -18.92 -14.04
N LEU B 86 12.63 -19.15 -15.34
CA LEU B 86 11.55 -19.99 -15.83
C LEU B 86 11.67 -21.43 -15.37
N ARG B 87 10.52 -22.10 -15.28
CA ARG B 87 10.46 -23.52 -14.97
C ARG B 87 9.33 -24.22 -15.75
N ALA B 88 9.24 -25.53 -15.62
CA ALA B 88 8.32 -26.33 -16.45
C ALA B 88 6.87 -25.86 -16.39
N GLU B 89 6.43 -25.39 -15.22
CA GLU B 89 5.05 -24.95 -15.05
C GLU B 89 4.78 -23.60 -15.76
N ASP B 90 5.83 -22.97 -16.30
CA ASP B 90 5.66 -21.78 -17.12
C ASP B 90 5.39 -22.16 -18.57
N THR B 91 5.62 -23.42 -18.93
CA THR B 91 5.23 -23.89 -20.26
C THR B 91 3.74 -23.65 -20.51
N ALA B 92 3.42 -22.97 -21.60
CA ALA B 92 2.05 -22.53 -21.87
C ALA B 92 1.94 -21.63 -23.09
N VAL B 93 0.72 -21.49 -23.60
CA VAL B 93 0.41 -20.48 -24.60
C VAL B 93 0.13 -19.17 -23.85
N TYR B 94 0.84 -18.09 -24.20
CA TYR B 94 0.60 -16.74 -23.64
C TYR B 94 -0.19 -15.86 -24.62
N TYR B 95 -1.24 -15.21 -24.10
CA TYR B 95 -2.14 -14.34 -24.84
C TYR B 95 -2.08 -12.93 -24.29
N CYS B 96 -2.12 -11.92 -25.16
CA CYS B 96 -2.35 -10.55 -24.67
C CYS B 96 -3.77 -10.22 -25.00
N ALA B 97 -4.41 -9.45 -24.12
CA ALA B 97 -5.79 -9.09 -24.25
C ALA B 97 -5.95 -7.63 -23.86
N ARG B 98 -6.86 -6.96 -24.54
CA ARG B 98 -7.13 -5.57 -24.30
C ARG B 98 -8.28 -5.44 -23.34
N GLU B 99 -8.19 -4.49 -22.43
CA GLU B 99 -9.29 -4.06 -21.58
C GLU B 99 -9.58 -2.60 -21.88
N ASP B 100 -10.85 -2.27 -21.99
CA ASP B 100 -11.27 -0.93 -22.32
C ASP B 100 -12.13 -0.40 -21.19
N PHE B 101 -11.50 0.27 -20.23
CA PHE B 101 -12.14 0.70 -18.97
C PHE B 101 -12.61 2.15 -18.90
N ARG B 102 -12.12 3.02 -19.79
CA ARG B 102 -12.35 4.46 -19.65
C ARG B 102 -13.82 4.83 -19.85
N ASN B 103 -14.46 5.36 -18.81
CA ASN B 103 -15.91 5.68 -18.80
C ASN B 103 -16.89 4.52 -18.76
N ARG B 104 -16.40 3.30 -18.68
CA ARG B 104 -17.27 2.14 -18.60
C ARG B 104 -16.85 1.26 -17.42
N ARG B 105 -17.44 1.54 -16.26
CA ARG B 105 -17.27 0.77 -15.06
C ARG B 105 -17.63 -0.71 -15.26
N ARG B 106 -18.73 -0.95 -15.94
CA ARG B 106 -19.17 -2.33 -16.19
C ARG B 106 -18.10 -3.14 -16.89
N LEU B 107 -17.26 -2.50 -17.70
CA LEU B 107 -16.25 -3.17 -18.50
C LEU B 107 -14.88 -3.24 -17.83
N TRP B 108 -14.78 -2.75 -16.59
CA TRP B 108 -13.52 -2.81 -15.87
C TRP B 108 -13.05 -4.23 -15.78
N TYR B 109 -11.75 -4.43 -16.01
CA TYR B 109 -11.12 -5.77 -16.00
C TYR B 109 -11.70 -6.80 -16.96
N VAL B 110 -12.60 -6.39 -17.83
CA VAL B 110 -13.14 -7.27 -18.86
C VAL B 110 -12.23 -7.19 -20.10
N MET B 111 -11.84 -8.34 -20.62
CA MET B 111 -10.88 -8.39 -21.70
C MET B 111 -11.57 -8.58 -23.03
N ASP B 112 -11.73 -7.50 -23.81
CA ASP B 112 -12.63 -7.54 -24.97
C ASP B 112 -12.10 -8.04 -26.31
N TYR B 113 -10.77 -8.08 -26.47
CA TYR B 113 -10.10 -8.66 -27.62
C TYR B 113 -8.84 -9.35 -27.15
N TRP B 114 -8.54 -10.48 -27.77
CA TRP B 114 -7.38 -11.29 -27.47
C TRP B 114 -6.58 -11.54 -28.75
N GLY B 115 -5.27 -11.70 -28.64
CA GLY B 115 -4.44 -12.17 -29.73
C GLY B 115 -4.60 -13.67 -29.85
N GLN B 116 -3.90 -14.28 -30.80
CA GLN B 116 -4.00 -15.71 -31.04
C GLN B 116 -3.02 -16.51 -30.16
N GLY B 117 -2.12 -15.82 -29.47
CA GLY B 117 -1.20 -16.48 -28.53
C GLY B 117 0.10 -17.00 -29.11
N THR B 118 1.10 -17.18 -28.25
CA THR B 118 2.40 -17.73 -28.62
C THR B 118 2.88 -18.77 -27.59
N LEU B 119 3.37 -19.89 -28.07
CA LEU B 119 3.69 -21.04 -27.20
C LEU B 119 5.11 -20.97 -26.65
N VAL B 120 5.24 -20.87 -25.32
CA VAL B 120 6.55 -20.91 -24.67
C VAL B 120 6.76 -22.32 -24.08
N THR B 121 7.91 -22.92 -24.39
CA THR B 121 8.21 -24.29 -23.98
C THR B 121 9.48 -24.28 -23.15
N VAL B 122 9.38 -24.69 -21.89
CA VAL B 122 10.51 -24.69 -21.00
C VAL B 122 11.07 -26.11 -21.01
N SER B 123 12.11 -26.31 -21.82
CA SER B 123 12.69 -27.64 -21.99
C SER B 123 14.21 -27.62 -22.22
N SER B 124 14.86 -28.73 -21.85
CA SER B 124 16.30 -28.92 -22.05
C SER B 124 16.60 -29.50 -23.42
N ALA B 125 15.57 -29.99 -24.10
CA ALA B 125 15.74 -30.59 -25.43
C ALA B 125 16.04 -29.52 -26.46
N SER B 126 16.33 -29.98 -27.68
CA SER B 126 16.88 -29.13 -28.73
C SER B 126 15.88 -28.89 -29.85
N THR B 127 16.01 -27.73 -30.50
CA THR B 127 15.21 -27.43 -31.68
C THR B 127 15.50 -28.42 -32.78
N LYS B 128 14.43 -28.84 -33.48
CA LYS B 128 14.53 -29.75 -34.61
C LYS B 128 13.38 -29.45 -35.57
N GLY B 129 13.74 -29.10 -36.81
CA GLY B 129 12.75 -28.75 -37.83
C GLY B 129 12.13 -29.99 -38.45
N PRO B 130 10.90 -29.89 -38.96
CA PRO B 130 10.16 -31.06 -39.42
C PRO B 130 10.59 -31.50 -40.81
N SER B 131 10.12 -32.68 -41.20
CA SER B 131 10.30 -33.23 -42.54
C SER B 131 8.88 -33.48 -43.08
N VAL B 132 8.59 -32.99 -44.28
CA VAL B 132 7.20 -32.91 -44.75
C VAL B 132 6.89 -33.74 -46.00
N PHE B 133 6.30 -34.91 -45.78
CA PHE B 133 5.98 -35.84 -46.87
C PHE B 133 4.53 -35.71 -47.33
N PRO B 134 4.24 -36.06 -48.60
CA PRO B 134 2.86 -36.14 -49.06
C PRO B 134 2.17 -37.44 -48.68
N LEU B 135 0.84 -37.38 -48.63
CA LEU B 135 0.01 -38.57 -48.47
C LEU B 135 -0.85 -38.64 -49.72
N ALA B 136 -0.35 -39.39 -50.72
CA ALA B 136 -0.97 -39.44 -52.04
C ALA B 136 -2.20 -40.35 -52.07
N PRO B 137 -3.29 -39.88 -52.72
CA PRO B 137 -4.53 -40.66 -52.97
C PRO B 137 -4.31 -42.09 -53.49
N GLY B 145 -16.62 -41.45 -55.51
CA GLY B 145 -16.73 -40.04 -55.87
C GLY B 145 -16.22 -39.14 -54.76
N THR B 146 -15.12 -39.55 -54.11
CA THR B 146 -14.58 -38.85 -52.95
C THR B 146 -13.16 -39.34 -52.67
N ALA B 147 -12.22 -38.39 -52.57
CA ALA B 147 -10.80 -38.71 -52.41
C ALA B 147 -10.20 -38.03 -51.19
N ALA B 148 -9.21 -38.69 -50.60
CA ALA B 148 -8.52 -38.18 -49.43
C ALA B 148 -7.05 -37.98 -49.75
N LEU B 149 -6.54 -36.78 -49.45
CA LEU B 149 -5.14 -36.47 -49.63
C LEU B 149 -4.69 -35.60 -48.47
N GLY B 150 -3.42 -35.71 -48.10
CA GLY B 150 -2.86 -35.00 -46.94
C GLY B 150 -1.34 -34.86 -46.93
N CYS B 151 -0.84 -34.25 -45.85
CA CYS B 151 0.59 -34.06 -45.61
C CYS B 151 1.00 -34.70 -44.31
N LEU B 152 2.20 -35.28 -44.28
CA LEU B 152 2.71 -35.92 -43.08
C LEU B 152 3.92 -35.13 -42.56
N VAL B 153 3.71 -34.34 -41.51
CA VAL B 153 4.76 -33.47 -40.99
C VAL B 153 5.46 -34.18 -39.83
N LYS B 154 6.63 -34.76 -40.10
CA LYS B 154 7.26 -35.70 -39.16
C LYS B 154 8.51 -35.14 -38.45
N ASP B 155 8.72 -35.57 -37.20
CA ASP B 155 9.96 -35.30 -36.44
C ASP B 155 10.28 -33.81 -36.23
N TYR B 156 9.64 -33.18 -35.26
CA TYR B 156 9.98 -31.78 -34.92
C TYR B 156 9.90 -31.45 -33.44
N PHE B 157 10.57 -30.38 -33.07
CA PHE B 157 10.55 -29.89 -31.70
C PHE B 157 11.00 -28.45 -31.68
N PRO B 158 10.36 -27.60 -30.86
CA PRO B 158 9.18 -27.84 -30.06
C PRO B 158 7.95 -27.67 -30.93
N GLU B 159 6.77 -27.80 -30.33
CA GLU B 159 5.54 -27.39 -30.98
C GLU B 159 5.63 -25.87 -31.18
N PRO B 160 4.75 -25.28 -31.99
CA PRO B 160 3.78 -25.87 -32.87
C PRO B 160 4.22 -25.82 -34.32
N VAL B 161 3.46 -26.48 -35.16
CA VAL B 161 3.56 -26.32 -36.60
C VAL B 161 2.18 -25.90 -37.09
N THR B 162 2.11 -25.09 -38.13
CA THR B 162 0.81 -24.69 -38.69
C THR B 162 0.75 -25.24 -40.10
N VAL B 163 -0.45 -25.62 -40.52
CA VAL B 163 -0.65 -26.17 -41.84
C VAL B 163 -1.89 -25.51 -42.45
N SER B 164 -1.73 -24.88 -43.61
CA SER B 164 -2.87 -24.46 -44.43
C SER B 164 -2.78 -25.19 -45.76
N TRP B 165 -3.85 -25.10 -46.55
CA TRP B 165 -3.85 -25.66 -47.90
C TRP B 165 -4.14 -24.58 -48.93
N ASN B 166 -3.47 -24.67 -50.07
CA ASN B 166 -3.61 -23.68 -51.13
C ASN B 166 -3.52 -22.25 -50.56
N SER B 167 -2.61 -22.06 -49.60
CA SER B 167 -2.35 -20.76 -48.96
C SER B 167 -3.58 -20.12 -48.32
N GLY B 168 -4.45 -20.94 -47.73
CA GLY B 168 -5.65 -20.46 -47.04
C GLY B 168 -6.94 -20.62 -47.84
N ALA B 169 -6.83 -20.77 -49.16
CA ALA B 169 -8.01 -20.84 -50.03
C ALA B 169 -8.82 -22.12 -49.80
N LEU B 170 -8.13 -23.24 -49.65
CA LEU B 170 -8.79 -24.52 -49.34
C LEU B 170 -8.89 -24.71 -47.82
N THR B 171 -10.13 -24.73 -47.34
CA THR B 171 -10.41 -24.89 -45.91
C THR B 171 -11.51 -25.93 -45.64
N SER B 172 -12.49 -26.00 -46.54
CA SER B 172 -13.61 -26.92 -46.41
C SER B 172 -13.14 -28.37 -46.58
N GLY B 173 -13.38 -29.17 -45.54
CA GLY B 173 -13.00 -30.58 -45.52
C GLY B 173 -11.64 -30.83 -44.89
N VAL B 174 -11.00 -29.80 -44.36
CA VAL B 174 -9.66 -29.96 -43.83
C VAL B 174 -9.71 -30.48 -42.39
N HIS B 175 -8.79 -31.39 -42.07
CA HIS B 175 -8.64 -31.92 -40.73
C HIS B 175 -7.17 -31.98 -40.39
N THR B 176 -6.70 -31.06 -39.55
CA THR B 176 -5.31 -31.11 -39.12
C THR B 176 -5.28 -31.67 -37.70
N PHE B 177 -4.55 -32.76 -37.51
CA PHE B 177 -4.57 -33.45 -36.21
C PHE B 177 -3.71 -32.78 -35.14
N PRO B 178 -4.04 -33.02 -33.88
CA PRO B 178 -3.11 -32.69 -32.82
C PRO B 178 -1.84 -33.48 -33.00
N ALA B 179 -0.69 -32.88 -32.68
CA ALA B 179 0.58 -33.56 -32.77
C ALA B 179 0.63 -34.61 -31.69
N VAL B 180 1.32 -35.71 -31.96
CA VAL B 180 1.59 -36.73 -30.94
C VAL B 180 3.09 -36.82 -30.70
N LEU B 181 3.46 -36.91 -29.42
CA LEU B 181 4.84 -37.03 -29.02
C LEU B 181 5.30 -38.44 -29.35
N GLN B 182 6.43 -38.56 -30.03
CA GLN B 182 6.94 -39.88 -30.39
C GLN B 182 7.86 -40.44 -29.28
N SER B 183 8.19 -41.72 -29.39
CA SER B 183 9.19 -42.31 -28.49
C SER B 183 10.53 -41.56 -28.62
N SER B 184 10.87 -41.19 -29.86
CA SER B 184 12.15 -40.51 -30.15
C SER B 184 12.30 -39.14 -29.46
N GLY B 185 11.20 -38.57 -28.97
CA GLY B 185 11.23 -37.27 -28.30
C GLY B 185 10.75 -36.13 -29.18
N LEU B 186 10.47 -36.41 -30.46
CA LEU B 186 9.99 -35.40 -31.40
C LEU B 186 8.46 -35.49 -31.60
N TYR B 187 7.91 -34.51 -32.30
CA TYR B 187 6.47 -34.46 -32.61
C TYR B 187 6.21 -34.83 -34.05
N SER B 188 4.95 -35.18 -34.31
CA SER B 188 4.48 -35.44 -35.65
C SER B 188 2.97 -35.28 -35.72
N LEU B 189 2.51 -34.60 -36.76
CA LEU B 189 1.09 -34.55 -37.07
C LEU B 189 0.86 -34.79 -38.54
N SER B 190 -0.40 -34.94 -38.89
CA SER B 190 -0.81 -35.05 -40.25
C SER B 190 -1.91 -34.03 -40.51
N SER B 191 -1.92 -33.49 -41.71
CA SER B 191 -3.07 -32.74 -42.17
C SER B 191 -3.65 -33.48 -43.38
N VAL B 192 -4.97 -33.45 -43.50
CA VAL B 192 -5.65 -34.08 -44.62
C VAL B 192 -6.92 -33.31 -44.94
N VAL B 193 -7.36 -33.44 -46.19
CA VAL B 193 -8.57 -32.81 -46.67
C VAL B 193 -9.22 -33.75 -47.66
N THR B 194 -10.55 -33.89 -47.59
CA THR B 194 -11.31 -34.70 -48.56
C THR B 194 -12.02 -33.87 -49.63
N VAL B 195 -11.66 -34.11 -50.89
CA VAL B 195 -12.25 -33.42 -52.05
C VAL B 195 -13.04 -34.39 -52.95
N PRO B 196 -13.78 -33.85 -53.94
CA PRO B 196 -14.37 -34.69 -54.99
C PRO B 196 -13.31 -35.36 -55.89
N SER B 197 -13.43 -36.67 -56.10
CA SER B 197 -12.43 -37.43 -56.86
C SER B 197 -12.57 -37.28 -58.39
N SER B 198 -13.54 -36.48 -58.83
CA SER B 198 -13.66 -36.13 -60.25
C SER B 198 -12.56 -35.17 -60.67
N SER B 199 -12.24 -34.21 -59.79
CA SER B 199 -11.32 -33.11 -60.10
C SER B 199 -9.85 -33.37 -59.77
N LEU B 200 -9.43 -34.64 -59.81
CA LEU B 200 -8.03 -35.00 -59.63
C LEU B 200 -7.36 -35.07 -61.01
N GLY B 201 -6.16 -34.48 -61.12
CA GLY B 201 -5.48 -34.34 -62.40
C GLY B 201 -5.68 -32.96 -63.00
N THR B 202 -6.75 -32.28 -62.59
CA THR B 202 -7.01 -30.89 -62.99
C THR B 202 -6.56 -29.95 -61.88
N GLN B 203 -7.17 -30.08 -60.70
CA GLN B 203 -6.86 -29.19 -59.59
C GLN B 203 -5.56 -29.57 -58.88
N THR B 204 -4.73 -28.56 -58.61
CA THR B 204 -3.49 -28.73 -57.87
C THR B 204 -3.78 -28.59 -56.37
N TYR B 205 -3.02 -29.32 -55.55
CA TYR B 205 -3.22 -29.32 -54.10
C TYR B 205 -1.89 -29.27 -53.36
N ILE B 206 -1.47 -28.07 -52.96
CA ILE B 206 -0.24 -27.89 -52.20
C ILE B 206 -0.58 -27.55 -50.76
N CYS B 207 0.11 -28.18 -49.80
CA CYS B 207 -0.10 -27.86 -48.40
C CYS B 207 1.01 -26.98 -47.87
N ASN B 208 0.66 -26.10 -46.93
CA ASN B 208 1.54 -25.04 -46.47
C ASN B 208 1.97 -25.25 -45.03
N VAL B 209 3.10 -25.93 -44.86
CA VAL B 209 3.69 -26.21 -43.55
C VAL B 209 4.58 -25.06 -43.08
N ASN B 210 4.61 -24.85 -41.78
CA ASN B 210 5.35 -23.75 -41.20
C ASN B 210 5.68 -24.01 -39.72
N HIS B 211 6.98 -24.07 -39.41
CA HIS B 211 7.47 -24.31 -38.06
C HIS B 211 8.40 -23.17 -37.67
N LYS B 212 7.82 -22.13 -37.07
CA LYS B 212 8.55 -20.88 -36.74
C LYS B 212 9.78 -21.05 -35.84
N PRO B 213 9.71 -21.97 -34.85
CA PRO B 213 10.87 -22.19 -33.97
C PRO B 213 12.16 -22.60 -34.65
N SER B 214 12.09 -23.14 -35.87
CA SER B 214 13.28 -23.56 -36.61
C SER B 214 13.34 -22.97 -38.03
N ASN B 215 12.61 -21.87 -38.26
CA ASN B 215 12.64 -21.15 -39.54
C ASN B 215 12.45 -22.03 -40.78
N THR B 216 11.53 -22.98 -40.69
CA THR B 216 11.17 -23.84 -41.82
C THR B 216 9.83 -23.40 -42.39
N LYS B 217 9.78 -23.21 -43.71
CA LYS B 217 8.55 -22.80 -44.37
C LYS B 217 8.43 -23.57 -45.67
N VAL B 218 7.90 -24.78 -45.57
CA VAL B 218 7.81 -25.71 -46.71
C VAL B 218 6.45 -25.65 -47.41
N ASP B 219 6.47 -25.94 -48.71
CA ASP B 219 5.28 -26.09 -49.53
C ASP B 219 5.45 -27.37 -50.37
N LYS B 220 4.63 -28.38 -50.09
CA LYS B 220 4.73 -29.67 -50.77
C LYS B 220 3.53 -29.89 -51.69
N LYS B 221 3.82 -30.39 -52.89
CA LYS B 221 2.86 -30.55 -53.97
C LYS B 221 2.33 -31.98 -53.92
N VAL B 222 1.04 -32.15 -53.64
CA VAL B 222 0.47 -33.49 -53.44
C VAL B 222 -0.14 -34.02 -54.74
N GLU B 223 0.43 -35.10 -55.26
CA GLU B 223 0.00 -35.69 -56.52
C GLU B 223 -0.09 -37.21 -56.42
N PRO B 224 -0.98 -37.83 -57.23
CA PRO B 224 -1.14 -39.30 -57.21
C PRO B 224 0.08 -40.04 -57.75
N THR B 230 3.39 -48.93 -65.08
CA THR B 230 3.99 -49.65 -66.19
C THR B 230 3.32 -49.27 -67.52
N HIS B 231 4.15 -49.07 -68.55
CA HIS B 231 3.74 -48.42 -69.80
C HIS B 231 3.13 -49.38 -70.83
N ASP C 1 -7.22 -13.65 -2.29
CA ASP C 1 -7.45 -13.55 -3.75
C ASP C 1 -8.61 -14.45 -4.15
N ILE C 2 -9.55 -13.87 -4.91
CA ILE C 2 -10.84 -14.47 -5.19
C ILE C 2 -10.77 -15.70 -6.12
N GLN C 3 -11.31 -16.82 -5.65
CA GLN C 3 -11.31 -18.08 -6.37
C GLN C 3 -12.67 -18.29 -7.04
N MET C 4 -12.68 -18.66 -8.33
CA MET C 4 -13.92 -18.92 -9.10
C MET C 4 -14.06 -20.39 -9.36
N THR C 5 -15.26 -20.92 -9.20
CA THR C 5 -15.46 -22.39 -9.27
C THR C 5 -16.67 -22.71 -10.09
N GLN C 6 -16.43 -23.38 -11.22
CA GLN C 6 -17.42 -23.64 -12.21
C GLN C 6 -17.94 -25.05 -12.13
N SER C 7 -19.21 -25.22 -12.50
CA SER C 7 -19.84 -26.53 -12.49
C SER C 7 -20.96 -26.59 -13.50
N PRO C 8 -21.12 -27.73 -14.17
CA PRO C 8 -20.22 -28.87 -14.11
C PRO C 8 -18.93 -28.51 -14.81
N SER C 9 -17.92 -29.37 -14.72
CA SER C 9 -16.67 -29.13 -15.44
C SER C 9 -16.69 -29.66 -16.86
N SER C 10 -17.57 -30.60 -17.15
CA SER C 10 -17.90 -30.94 -18.56
C SER C 10 -19.28 -31.52 -18.66
N LEU C 11 -19.87 -31.36 -19.82
CA LEU C 11 -21.21 -31.86 -20.03
C LEU C 11 -21.38 -32.13 -21.52
N SER C 12 -22.32 -32.98 -21.88
CA SER C 12 -22.65 -33.18 -23.28
C SER C 12 -24.17 -33.04 -23.46
N ALA C 13 -24.58 -32.55 -24.61
CA ALA C 13 -25.97 -32.29 -24.85
C ALA C 13 -26.28 -32.30 -26.34
N SER C 14 -27.56 -32.31 -26.67
CA SER C 14 -27.98 -32.41 -28.03
C SER C 14 -28.29 -31.06 -28.58
N VAL C 15 -28.03 -30.89 -29.88
CA VAL C 15 -28.37 -29.66 -30.52
C VAL C 15 -29.82 -29.41 -30.25
N GLY C 16 -30.17 -28.25 -29.73
CA GLY C 16 -31.55 -27.95 -29.43
C GLY C 16 -31.82 -27.79 -27.95
N ASP C 17 -31.01 -28.45 -27.13
CA ASP C 17 -31.14 -28.36 -25.67
C ASP C 17 -30.86 -26.97 -25.07
N ARG C 18 -31.35 -26.78 -23.87
CA ARG C 18 -31.13 -25.56 -23.10
C ARG C 18 -30.14 -25.94 -22.06
N VAL C 19 -28.94 -25.38 -22.14
CA VAL C 19 -27.85 -25.71 -21.25
C VAL C 19 -27.65 -24.58 -20.30
N THR C 20 -27.19 -24.92 -19.11
CA THR C 20 -26.97 -23.98 -18.03
C THR C 20 -25.67 -24.34 -17.31
N ILE C 21 -24.79 -23.37 -17.10
CA ILE C 21 -23.54 -23.67 -16.44
C ILE C 21 -23.25 -22.69 -15.33
N THR C 22 -22.59 -23.16 -14.30
CA THR C 22 -22.67 -22.44 -13.04
C THR C 22 -21.29 -21.97 -12.58
N CYS C 23 -21.29 -20.89 -11.78
CA CYS C 23 -20.05 -20.25 -11.33
C CYS C 23 -20.23 -19.68 -9.93
N ARG C 24 -19.31 -20.04 -9.04
CA ARG C 24 -19.33 -19.60 -7.65
C ARG C 24 -18.05 -18.89 -7.25
N ALA C 25 -18.16 -17.58 -7.04
CA ALA C 25 -17.11 -16.77 -6.46
C ALA C 25 -16.97 -17.10 -4.98
N SER C 26 -15.74 -17.06 -4.48
CA SER C 26 -15.45 -17.40 -3.10
C SER C 26 -15.68 -16.20 -2.19
N GLN C 27 -16.09 -15.06 -2.74
CA GLN C 27 -16.58 -13.98 -1.91
C GLN C 27 -17.37 -12.97 -2.73
N ASP C 28 -18.16 -12.16 -2.04
CA ASP C 28 -19.12 -11.31 -2.74
C ASP C 28 -18.37 -10.52 -3.79
N VAL C 29 -18.87 -10.61 -5.03
CA VAL C 29 -18.20 -10.05 -6.20
C VAL C 29 -19.22 -9.22 -7.03
N SER C 30 -20.33 -8.88 -6.36
CA SER C 30 -21.44 -8.11 -6.93
C SER C 30 -22.01 -8.67 -8.27
N THR C 31 -22.03 -7.88 -9.34
CA THR C 31 -22.35 -8.40 -10.67
C THR C 31 -21.16 -8.28 -11.64
N ALA C 32 -19.96 -8.20 -11.09
CA ALA C 32 -18.75 -8.08 -11.93
C ALA C 32 -18.26 -9.44 -12.26
N VAL C 33 -18.98 -10.14 -13.13
CA VAL C 33 -18.50 -11.42 -13.66
C VAL C 33 -18.63 -11.40 -15.17
N ALA C 34 -17.61 -11.89 -15.86
CA ALA C 34 -17.67 -12.04 -17.32
C ALA C 34 -17.53 -13.50 -17.75
N TRP C 35 -18.10 -13.83 -18.93
CA TRP C 35 -17.98 -15.18 -19.53
C TRP C 35 -17.32 -15.14 -20.90
N TYR C 36 -16.41 -16.08 -21.13
CA TYR C 36 -15.68 -16.16 -22.38
C TYR C 36 -15.88 -17.51 -22.99
N GLN C 37 -15.76 -17.58 -24.31
CA GLN C 37 -15.89 -18.80 -25.05
C GLN C 37 -14.59 -19.11 -25.73
N GLN C 38 -14.04 -20.30 -25.47
CA GLN C 38 -12.85 -20.76 -26.19
C GLN C 38 -13.09 -21.99 -27.04
N LYS C 39 -13.01 -21.81 -28.35
CA LYS C 39 -13.06 -22.91 -29.33
C LYS C 39 -11.68 -23.49 -29.54
N PRO C 40 -11.63 -24.77 -29.96
CA PRO C 40 -10.36 -25.51 -29.94
C PRO C 40 -9.28 -24.85 -30.79
N GLY C 41 -8.12 -24.66 -30.17
CA GLY C 41 -6.98 -24.02 -30.83
C GLY C 41 -7.15 -22.55 -31.19
N LYS C 42 -8.11 -21.88 -30.58
CA LYS C 42 -8.37 -20.48 -30.86
C LYS C 42 -8.32 -19.73 -29.56
N ALA C 43 -8.29 -18.41 -29.66
CA ALA C 43 -8.25 -17.58 -28.49
C ALA C 43 -9.67 -17.40 -28.01
N PRO C 44 -9.84 -17.20 -26.69
CA PRO C 44 -11.17 -17.02 -26.18
C PRO C 44 -11.78 -15.71 -26.63
N LYS C 45 -13.12 -15.70 -26.69
CA LYS C 45 -13.93 -14.53 -27.05
C LYS C 45 -14.91 -14.14 -25.93
N LEU C 46 -15.04 -12.86 -25.66
CA LEU C 46 -15.96 -12.39 -24.63
C LEU C 46 -17.40 -12.62 -25.07
N LEU C 47 -18.24 -13.19 -24.20
CA LEU C 47 -19.67 -13.36 -24.43
C LEU C 47 -20.46 -12.39 -23.61
N ILE C 48 -20.20 -12.38 -22.32
CA ILE C 48 -21.06 -11.69 -21.35
C ILE C 48 -20.20 -10.90 -20.38
N TYR C 49 -20.57 -9.66 -20.10
CA TYR C 49 -19.92 -8.90 -19.05
C TYR C 49 -20.93 -8.38 -18.05
N SER C 50 -20.43 -7.98 -16.90
CA SER C 50 -21.26 -7.57 -15.79
C SER C 50 -22.42 -8.52 -15.62
N ALA C 51 -22.12 -9.82 -15.62
CA ALA C 51 -23.06 -10.88 -15.18
C ALA C 51 -24.17 -11.19 -16.18
N SER C 52 -24.74 -10.17 -16.81
CA SER C 52 -25.90 -10.36 -17.71
C SER C 52 -25.92 -9.56 -19.02
N PHE C 53 -24.86 -8.85 -19.38
CA PHE C 53 -24.89 -8.04 -20.61
C PHE C 53 -24.19 -8.72 -21.77
N LEU C 54 -24.89 -8.81 -22.89
CA LEU C 54 -24.37 -9.50 -24.06
C LEU C 54 -23.35 -8.57 -24.73
N TYR C 55 -22.24 -9.11 -25.20
CA TYR C 55 -21.25 -8.33 -25.94
C TYR C 55 -21.64 -8.34 -27.41
N SER C 56 -21.16 -7.36 -28.17
CA SER C 56 -21.60 -7.17 -29.55
C SER C 56 -21.31 -8.39 -30.38
N GLY C 57 -22.28 -8.80 -31.19
CA GLY C 57 -22.06 -9.88 -32.13
C GLY C 57 -22.38 -11.25 -31.55
N VAL C 58 -22.66 -11.31 -30.26
CA VAL C 58 -22.95 -12.57 -29.61
C VAL C 58 -24.44 -12.89 -29.76
N PRO C 59 -24.79 -14.07 -30.31
CA PRO C 59 -26.19 -14.37 -30.57
C PRO C 59 -27.05 -14.46 -29.31
N SER C 60 -28.32 -14.11 -29.48
CA SER C 60 -29.26 -13.92 -28.38
C SER C 60 -29.57 -15.19 -27.60
N ARG C 61 -29.13 -16.33 -28.12
CA ARG C 61 -29.29 -17.55 -27.34
C ARG C 61 -28.46 -17.59 -26.05
N PHE C 62 -27.47 -16.71 -25.93
CA PHE C 62 -26.65 -16.68 -24.72
C PHE C 62 -27.22 -15.70 -23.73
N SER C 63 -27.09 -16.03 -22.46
CA SER C 63 -27.57 -15.11 -21.45
C SER C 63 -26.95 -15.49 -20.14
N GLY C 64 -26.92 -14.55 -19.22
CA GLY C 64 -26.27 -14.79 -17.94
C GLY C 64 -27.03 -14.16 -16.81
N SER C 65 -26.73 -14.56 -15.60
CA SER C 65 -27.49 -14.05 -14.49
C SER C 65 -26.73 -14.25 -13.22
N GLY C 66 -27.16 -13.55 -12.17
CA GLY C 66 -26.62 -13.78 -10.85
C GLY C 66 -26.11 -12.51 -10.22
N SER C 67 -25.74 -12.64 -8.96
CA SER C 67 -25.12 -11.57 -8.21
C SER C 67 -24.53 -12.15 -6.96
N GLY C 68 -23.72 -11.36 -6.29
CA GLY C 68 -23.11 -11.80 -5.06
C GLY C 68 -22.05 -12.85 -5.33
N THR C 69 -22.46 -14.10 -5.22
CA THR C 69 -21.51 -15.20 -5.37
C THR C 69 -21.95 -16.32 -6.31
N ASP C 70 -23.20 -16.31 -6.80
CA ASP C 70 -23.70 -17.35 -7.73
C ASP C 70 -24.02 -16.77 -9.09
N PHE C 71 -23.40 -17.30 -10.14
CA PHE C 71 -23.60 -16.80 -11.47
C PHE C 71 -23.90 -17.95 -12.40
N THR C 72 -24.81 -17.76 -13.37
CA THR C 72 -25.12 -18.80 -14.35
C THR C 72 -25.06 -18.26 -15.77
N LEU C 73 -24.58 -19.08 -16.70
CA LEU C 73 -24.60 -18.77 -18.13
C LEU C 73 -25.52 -19.77 -18.76
N THR C 74 -26.53 -19.31 -19.52
CA THR C 74 -27.43 -20.22 -20.23
C THR C 74 -27.32 -20.09 -21.74
N ILE C 75 -27.28 -21.24 -22.43
CA ILE C 75 -27.55 -21.31 -23.84
C ILE C 75 -28.96 -21.90 -23.97
N SER C 76 -29.86 -21.19 -24.66
CA SER C 76 -31.26 -21.58 -24.72
C SER C 76 -31.52 -22.67 -25.76
N SER C 77 -30.58 -22.88 -26.67
CA SER C 77 -30.80 -23.79 -27.78
C SER C 77 -29.44 -24.04 -28.43
N LEU C 78 -28.73 -25.01 -27.87
CA LEU C 78 -27.36 -25.30 -28.23
C LEU C 78 -27.20 -25.53 -29.73
N GLN C 79 -26.21 -24.91 -30.35
CA GLN C 79 -25.87 -25.22 -31.74
C GLN C 79 -24.52 -25.92 -31.84
N PRO C 80 -24.26 -26.63 -32.95
CA PRO C 80 -22.96 -27.28 -33.13
C PRO C 80 -21.81 -26.34 -33.02
N GLU C 81 -22.00 -25.11 -33.49
CA GLU C 81 -20.95 -24.07 -33.35
C GLU C 81 -20.54 -23.86 -31.88
N ASP C 82 -21.42 -24.16 -30.93
CA ASP C 82 -21.22 -23.83 -29.50
C ASP C 82 -20.33 -24.81 -28.76
N PHE C 83 -19.92 -25.87 -29.41
CA PHE C 83 -18.86 -26.72 -28.86
C PHE C 83 -17.62 -25.85 -28.56
N ALA C 84 -17.11 -25.93 -27.34
CA ALA C 84 -16.16 -24.96 -26.80
C ALA C 84 -15.97 -25.16 -25.30
N THR C 85 -14.92 -24.57 -24.74
CA THR C 85 -14.78 -24.53 -23.29
C THR C 85 -15.17 -23.14 -22.86
N TYR C 86 -16.04 -23.03 -21.84
CA TYR C 86 -16.56 -21.76 -21.32
C TYR C 86 -15.94 -21.41 -19.99
N TYR C 87 -15.45 -20.16 -19.86
CA TYR C 87 -14.84 -19.68 -18.60
C TYR C 87 -15.54 -18.49 -17.99
N CYS C 88 -15.73 -18.51 -16.68
CA CYS C 88 -16.13 -17.29 -15.98
C CYS C 88 -14.86 -16.61 -15.49
N GLN C 89 -14.91 -15.27 -15.41
CA GLN C 89 -13.88 -14.48 -14.73
C GLN C 89 -14.55 -13.59 -13.70
N GLN C 90 -13.93 -13.35 -12.56
CA GLN C 90 -14.37 -12.21 -11.74
C GLN C 90 -13.57 -10.95 -12.14
N ALA C 91 -14.27 -9.83 -12.27
CA ALA C 91 -13.68 -8.54 -12.62
C ALA C 91 -13.91 -7.56 -11.48
N TRP C 92 -13.75 -8.05 -10.25
CA TRP C 92 -14.01 -7.24 -9.06
C TRP C 92 -12.74 -6.86 -8.29
N ALA C 93 -11.90 -7.85 -8.00
CA ALA C 93 -10.67 -7.63 -7.24
C ALA C 93 -9.62 -6.93 -8.10
N TYR C 94 -8.50 -6.55 -7.48
CA TYR C 94 -7.40 -5.89 -8.20
C TYR C 94 -6.77 -6.86 -9.21
N LEU C 95 -6.75 -8.14 -8.84
CA LEU C 95 -6.23 -9.22 -9.69
C LEU C 95 -7.38 -10.08 -10.24
N PRO C 96 -7.57 -10.06 -11.55
CA PRO C 96 -8.49 -10.98 -12.21
C PRO C 96 -8.14 -12.45 -11.95
N THR C 97 -9.17 -13.29 -11.86
CA THR C 97 -9.04 -14.73 -11.77
C THR C 97 -10.14 -15.35 -12.61
N PHE C 98 -9.82 -16.45 -13.30
CA PHE C 98 -10.75 -17.18 -14.14
C PHE C 98 -11.19 -18.44 -13.44
N GLY C 99 -12.41 -18.87 -13.71
CA GLY C 99 -12.81 -20.23 -13.33
C GLY C 99 -12.04 -21.30 -14.09
N GLN C 100 -12.19 -22.54 -13.65
CA GLN C 100 -11.39 -23.63 -14.21
C GLN C 100 -11.87 -24.10 -15.61
N GLY C 101 -13.00 -23.59 -16.08
CA GLY C 101 -13.53 -23.93 -17.39
C GLY C 101 -14.59 -25.03 -17.34
N THR C 102 -15.56 -24.96 -18.26
CA THR C 102 -16.53 -26.03 -18.49
C THR C 102 -16.59 -26.46 -19.96
N LYS C 103 -16.20 -27.69 -20.23
CA LYS C 103 -16.19 -28.21 -21.61
C LYS C 103 -17.60 -28.68 -22.04
N VAL C 104 -18.13 -28.10 -23.10
CA VAL C 104 -19.42 -28.50 -23.65
C VAL C 104 -19.28 -29.29 -24.97
N GLU C 105 -19.43 -30.62 -24.88
CA GLU C 105 -19.43 -31.53 -26.02
C GLU C 105 -20.85 -31.61 -26.59
N ILE C 106 -21.02 -32.21 -27.75
CA ILE C 106 -22.34 -32.34 -28.37
C ILE C 106 -22.69 -33.82 -28.58
N LYS C 107 -23.92 -34.18 -28.26
CA LYS C 107 -24.49 -35.51 -28.55
C LYS C 107 -25.24 -35.49 -29.89
N ARG C 108 -25.09 -36.56 -30.65
CA ARG C 108 -25.76 -36.71 -31.94
C ARG C 108 -25.89 -38.18 -32.32
N THR C 109 -26.44 -38.47 -33.49
CA THR C 109 -26.77 -39.84 -33.83
C THR C 109 -25.51 -40.54 -34.29
N VAL C 110 -25.54 -41.86 -34.33
CA VAL C 110 -24.35 -42.59 -34.77
C VAL C 110 -24.07 -42.27 -36.24
N ALA C 111 -22.81 -42.03 -36.57
CA ALA C 111 -22.39 -41.78 -37.93
C ALA C 111 -21.18 -42.65 -38.15
N ALA C 112 -21.14 -43.26 -39.34
CA ALA C 112 -20.17 -44.27 -39.69
C ALA C 112 -18.94 -43.61 -40.32
N PRO C 113 -17.76 -44.16 -40.04
CA PRO C 113 -16.54 -43.55 -40.56
C PRO C 113 -16.24 -43.95 -41.99
N SER C 114 -15.71 -43.01 -42.76
CA SER C 114 -15.07 -43.29 -44.04
C SER C 114 -13.60 -43.60 -43.80
N VAL C 115 -13.13 -44.74 -44.28
CA VAL C 115 -11.73 -45.13 -44.08
C VAL C 115 -10.88 -44.95 -45.35
N PHE C 116 -9.65 -44.50 -45.16
CA PHE C 116 -8.67 -44.37 -46.22
C PHE C 116 -7.30 -44.79 -45.70
N ILE C 117 -6.53 -45.46 -46.56
CA ILE C 117 -5.19 -45.92 -46.23
C ILE C 117 -4.16 -45.18 -47.09
N PHE C 118 -3.00 -44.89 -46.52
CA PHE C 118 -1.96 -44.14 -47.21
C PHE C 118 -0.61 -44.85 -47.17
N PRO C 119 -0.04 -45.13 -48.35
CA PRO C 119 1.28 -45.74 -48.41
C PRO C 119 2.36 -44.66 -48.24
N PRO C 120 3.57 -45.06 -47.83
CA PRO C 120 4.65 -44.08 -47.67
C PRO C 120 5.19 -43.63 -49.02
N SER C 121 5.27 -42.31 -49.20
CA SER C 121 5.73 -41.72 -50.45
C SER C 121 7.25 -41.86 -50.62
N ASP C 122 7.68 -42.32 -51.79
CA ASP C 122 9.13 -42.50 -52.08
C ASP C 122 10.01 -41.52 -51.29
N GLU C 123 9.70 -40.24 -51.39
CA GLU C 123 10.47 -39.18 -50.71
C GLU C 123 10.95 -39.60 -49.31
N GLN C 124 10.04 -40.20 -48.53
CA GLN C 124 10.33 -40.67 -47.17
C GLN C 124 11.18 -41.92 -47.19
N LEU C 125 10.81 -42.87 -48.04
CA LEU C 125 11.53 -44.15 -48.14
C LEU C 125 13.05 -43.93 -48.18
N LYS C 126 13.47 -42.86 -48.88
CA LYS C 126 14.87 -42.45 -48.91
C LYS C 126 15.49 -42.23 -47.53
N SER C 127 14.75 -41.61 -46.61
CA SER C 127 15.29 -41.28 -45.29
C SER C 127 15.52 -42.49 -44.36
N GLY C 128 15.06 -43.68 -44.75
CA GLY C 128 15.30 -44.90 -43.98
C GLY C 128 14.02 -45.47 -43.41
N THR C 129 13.37 -44.71 -42.53
CA THR C 129 12.10 -45.13 -41.90
C THR C 129 10.90 -45.00 -42.85
N ALA C 130 9.78 -45.64 -42.49
CA ALA C 130 8.58 -45.71 -43.34
C ALA C 130 7.27 -45.58 -42.54
N SER C 131 6.38 -44.67 -42.97
CA SER C 131 5.14 -44.36 -42.23
C SER C 131 3.84 -44.64 -43.03
N VAL C 132 3.09 -45.64 -42.58
CA VAL C 132 1.80 -45.95 -43.18
C VAL C 132 0.72 -45.33 -42.30
N VAL C 133 -0.16 -44.52 -42.91
CA VAL C 133 -1.20 -43.84 -42.17
C VAL C 133 -2.61 -44.33 -42.56
N CYS C 134 -3.45 -44.51 -41.53
CA CYS C 134 -4.84 -44.92 -41.69
C CYS C 134 -5.78 -43.79 -41.26
N LEU C 135 -6.70 -43.39 -42.16
CA LEU C 135 -7.61 -42.28 -41.89
C LEU C 135 -9.04 -42.75 -41.69
N LEU C 136 -9.65 -42.40 -40.56
CA LEU C 136 -11.06 -42.63 -40.30
C LEU C 136 -11.75 -41.28 -40.28
N ASN C 137 -12.55 -41.00 -41.30
CA ASN C 137 -13.15 -39.68 -41.43
C ASN C 137 -14.61 -39.56 -40.97
N ASN C 138 -14.85 -38.56 -40.14
CA ASN C 138 -16.19 -38.03 -39.88
C ASN C 138 -17.13 -39.04 -39.27
N PHE C 139 -16.78 -39.56 -38.10
CA PHE C 139 -17.62 -40.58 -37.44
C PHE C 139 -18.07 -40.12 -36.08
N TYR C 140 -18.99 -40.87 -35.49
CA TYR C 140 -19.43 -40.61 -34.13
C TYR C 140 -20.14 -41.83 -33.62
N PRO C 141 -19.95 -42.16 -32.33
CA PRO C 141 -19.18 -41.45 -31.31
C PRO C 141 -17.69 -41.73 -31.41
N ARG C 142 -16.90 -41.28 -30.44
CA ARG C 142 -15.43 -41.26 -30.55
C ARG C 142 -14.78 -42.65 -30.40
N GLU C 143 -15.48 -43.59 -29.82
CA GLU C 143 -14.93 -44.92 -29.57
C GLU C 143 -14.73 -45.64 -30.89
N ALA C 144 -13.57 -46.23 -31.09
CA ALA C 144 -13.23 -46.86 -32.37
C ALA C 144 -11.88 -47.58 -32.28
N LYS C 145 -11.86 -48.83 -32.72
CA LYS C 145 -10.65 -49.62 -32.68
C LYS C 145 -10.02 -49.60 -34.06
N VAL C 146 -8.69 -49.46 -34.11
CA VAL C 146 -7.96 -49.48 -35.37
C VAL C 146 -6.75 -50.40 -35.27
N GLN C 147 -6.97 -51.68 -35.58
CA GLN C 147 -5.91 -52.68 -35.53
C GLN C 147 -5.18 -52.78 -36.87
N TRP C 148 -3.86 -52.68 -36.79
CA TRP C 148 -2.97 -52.86 -37.93
C TRP C 148 -2.63 -54.35 -38.10
N LYS C 149 -2.39 -54.76 -39.35
CA LYS C 149 -2.03 -56.13 -39.63
C LYS C 149 -0.96 -56.22 -40.71
N VAL C 150 0.23 -56.69 -40.32
CA VAL C 150 1.34 -56.91 -41.24
C VAL C 150 1.42 -58.41 -41.57
N ASP C 151 1.18 -58.75 -42.84
CA ASP C 151 1.08 -60.17 -43.26
C ASP C 151 0.11 -60.95 -42.38
N ASN C 152 -1.08 -60.39 -42.22
CA ASN C 152 -2.17 -61.00 -41.44
C ASN C 152 -1.84 -61.18 -39.94
N ALA C 153 -0.86 -60.42 -39.45
CA ALA C 153 -0.41 -60.53 -38.06
C ALA C 153 -0.74 -59.26 -37.28
N LEU C 154 -1.48 -59.41 -36.18
CA LEU C 154 -1.87 -58.29 -35.32
C LEU C 154 -0.63 -57.59 -34.77
N GLN C 155 -0.61 -56.26 -34.87
CA GLN C 155 0.58 -55.47 -34.49
C GLN C 155 0.45 -54.78 -33.14
N SER C 156 1.59 -54.28 -32.66
CA SER C 156 1.74 -53.79 -31.29
C SER C 156 1.32 -52.33 -31.10
N GLY C 157 1.85 -51.70 -30.04
CA GLY C 157 1.74 -50.26 -29.82
C GLY C 157 2.86 -49.46 -30.47
N ASN C 158 3.48 -50.01 -31.52
CA ASN C 158 4.30 -49.22 -32.46
C ASN C 158 3.43 -48.48 -33.50
N SER C 159 2.14 -48.34 -33.21
CA SER C 159 1.24 -47.44 -33.93
C SER C 159 0.88 -46.30 -33.00
N GLN C 160 0.43 -45.18 -33.58
CA GLN C 160 0.03 -44.00 -32.81
C GLN C 160 -1.26 -43.39 -33.34
N GLU C 161 -2.19 -43.07 -32.45
CA GLU C 161 -3.47 -42.49 -32.81
C GLU C 161 -3.53 -41.01 -32.50
N SER C 162 -4.22 -40.25 -33.35
CA SER C 162 -4.56 -38.88 -33.03
C SER C 162 -6.02 -38.66 -33.42
N VAL C 163 -6.75 -37.90 -32.61
CA VAL C 163 -8.16 -37.60 -32.84
C VAL C 163 -8.40 -36.09 -32.87
N THR C 164 -9.39 -35.66 -33.62
CA THR C 164 -9.71 -34.25 -33.70
C THR C 164 -10.77 -33.97 -32.68
N GLU C 165 -10.99 -32.71 -32.36
CA GLU C 165 -12.10 -32.30 -31.53
C GLU C 165 -13.36 -32.39 -32.38
N GLN C 166 -14.54 -32.28 -31.78
CA GLN C 166 -15.79 -32.33 -32.55
C GLN C 166 -15.81 -31.21 -33.62
N ASP C 167 -16.18 -31.58 -34.83
CA ASP C 167 -16.36 -30.62 -35.93
C ASP C 167 -17.47 -29.65 -35.56
N SER C 168 -17.27 -28.37 -35.82
CA SER C 168 -18.22 -27.34 -35.43
C SER C 168 -19.49 -27.30 -36.28
N LYS C 169 -19.53 -28.10 -37.34
CA LYS C 169 -20.70 -28.15 -38.21
C LYS C 169 -21.51 -29.43 -38.01
N ASP C 170 -20.86 -30.58 -38.10
CA ASP C 170 -21.60 -31.83 -38.01
C ASP C 170 -21.33 -32.58 -36.69
N SER C 171 -20.51 -32.01 -35.81
CA SER C 171 -20.22 -32.60 -34.51
C SER C 171 -19.52 -33.95 -34.55
N THR C 172 -18.91 -34.31 -35.67
CA THR C 172 -18.28 -35.60 -35.76
C THR C 172 -16.84 -35.52 -35.35
N TYR C 173 -16.19 -36.69 -35.30
CA TYR C 173 -14.78 -36.81 -35.00
C TYR C 173 -14.04 -37.34 -36.22
N SER C 174 -12.74 -37.08 -36.29
CA SER C 174 -11.87 -37.80 -37.22
C SER C 174 -10.61 -38.28 -36.45
N LEU C 175 -10.00 -39.32 -37.00
CA LEU C 175 -8.93 -40.05 -36.33
C LEU C 175 -7.87 -40.46 -37.35
N SER C 176 -6.60 -40.31 -36.99
CA SER C 176 -5.51 -40.86 -37.78
C SER C 176 -4.76 -41.88 -36.95
N SER C 177 -4.34 -42.97 -37.59
CA SER C 177 -3.46 -43.92 -36.95
C SER C 177 -2.24 -44.13 -37.82
N THR C 178 -1.06 -43.90 -37.25
CA THR C 178 0.19 -44.07 -37.98
C THR C 178 1.05 -45.19 -37.39
N LEU C 179 1.54 -46.05 -38.29
CA LEU C 179 2.47 -47.12 -37.95
C LEU C 179 3.81 -46.81 -38.62
N THR C 180 4.87 -46.73 -37.80
CA THR C 180 6.22 -46.47 -38.33
C THR C 180 7.09 -47.71 -38.23
N LEU C 181 7.79 -48.02 -39.34
CA LEU C 181 8.73 -49.13 -39.40
C LEU C 181 10.04 -48.71 -40.09
N SER C 182 11.06 -49.57 -40.02
CA SER C 182 12.36 -49.29 -40.62
C SER C 182 12.40 -49.62 -42.11
N LYS C 183 13.50 -49.24 -42.76
CA LYS C 183 13.80 -49.72 -44.11
C LYS C 183 13.59 -51.22 -44.14
N ALA C 184 14.38 -51.93 -43.33
CA ALA C 184 14.46 -53.39 -43.38
C ALA C 184 13.11 -54.08 -43.15
N ASP C 185 12.25 -53.47 -42.33
CA ASP C 185 10.96 -54.06 -41.97
C ASP C 185 9.92 -53.87 -43.08
N TYR C 186 9.79 -52.64 -43.59
CA TYR C 186 8.81 -52.32 -44.65
C TYR C 186 9.15 -52.97 -45.98
N GLU C 187 10.43 -52.94 -46.33
CA GLU C 187 10.90 -53.50 -47.58
C GLU C 187 10.64 -55.02 -47.62
N LYS C 188 10.84 -55.67 -46.47
CA LYS C 188 10.79 -57.14 -46.40
C LYS C 188 9.37 -57.77 -46.49
N HIS C 189 8.33 -56.97 -46.28
CA HIS C 189 6.94 -57.48 -46.28
C HIS C 189 6.05 -56.79 -47.32
N LYS C 190 4.88 -57.37 -47.56
CA LYS C 190 3.99 -56.92 -48.65
C LYS C 190 2.56 -56.59 -48.20
N VAL C 191 1.97 -57.44 -47.37
CA VAL C 191 0.56 -57.28 -46.94
C VAL C 191 0.40 -56.34 -45.73
N TYR C 192 -0.12 -55.14 -45.97
CA TYR C 192 -0.35 -54.12 -44.93
C TYR C 192 -1.83 -53.74 -44.83
N ALA C 193 -2.47 -54.09 -43.71
CA ALA C 193 -3.91 -53.89 -43.58
C ALA C 193 -4.26 -53.04 -42.37
N CYS C 194 -5.24 -52.15 -42.56
CA CYS C 194 -5.87 -51.40 -41.49
C CYS C 194 -7.31 -51.88 -41.34
N GLU C 195 -7.64 -52.48 -40.19
CA GLU C 195 -9.02 -52.94 -39.91
C GLU C 195 -9.73 -52.08 -38.84
N VAL C 196 -10.76 -51.36 -39.28
CA VAL C 196 -11.51 -50.42 -38.42
C VAL C 196 -12.78 -51.06 -37.86
N THR C 197 -13.06 -50.83 -36.58
CA THR C 197 -14.29 -51.28 -35.95
C THR C 197 -14.93 -50.07 -35.30
N HIS C 198 -16.25 -49.99 -35.41
CA HIS C 198 -16.97 -48.83 -34.95
C HIS C 198 -18.45 -49.17 -34.95
N GLN C 199 -19.12 -48.62 -33.96
CA GLN C 199 -20.52 -48.85 -33.73
C GLN C 199 -21.40 -48.71 -35.00
N GLY C 200 -21.22 -47.59 -35.71
CA GLY C 200 -21.95 -47.33 -36.94
C GLY C 200 -21.69 -48.26 -38.12
N LEU C 201 -20.69 -49.12 -38.00
CA LEU C 201 -20.38 -50.10 -39.03
C LEU C 201 -20.97 -51.44 -38.63
N SER C 202 -21.76 -52.05 -39.52
CA SER C 202 -22.41 -53.33 -39.21
C SER C 202 -21.39 -54.45 -39.07
N SER C 203 -20.33 -54.37 -39.87
CA SER C 203 -19.19 -55.28 -39.78
C SER C 203 -17.90 -54.49 -39.95
N PRO C 204 -16.81 -54.99 -39.35
CA PRO C 204 -15.47 -54.43 -39.54
C PRO C 204 -15.14 -54.18 -41.01
N VAL C 205 -14.67 -52.96 -41.29
CA VAL C 205 -14.19 -52.57 -42.61
C VAL C 205 -12.67 -52.65 -42.62
N THR C 206 -12.11 -53.17 -43.72
CA THR C 206 -10.66 -53.29 -43.87
C THR C 206 -10.18 -52.53 -45.10
N LYS C 207 -9.16 -51.69 -44.93
CA LYS C 207 -8.46 -51.08 -46.06
C LYS C 207 -6.98 -51.47 -46.05
N SER C 208 -6.48 -51.91 -47.19
CA SER C 208 -5.14 -52.48 -47.29
C SER C 208 -4.48 -52.20 -48.64
N PHE C 209 -3.20 -52.52 -48.72
CA PHE C 209 -2.42 -52.35 -49.96
C PHE C 209 -1.19 -53.26 -50.01
N ASN C 210 -0.55 -53.30 -51.19
CA ASN C 210 0.77 -53.91 -51.39
C ASN C 210 1.73 -52.99 -52.15
N ARG C 211 3.02 -53.24 -52.03
CA ARG C 211 4.06 -52.46 -52.70
C ARG C 211 4.20 -52.88 -54.17
C1 NAG D . 20.48 8.70 16.74
C2 NAG D . 19.07 8.11 16.92
C3 NAG D . 18.36 8.13 15.56
C4 NAG D . 19.23 7.66 14.40
C5 NAG D . 20.74 7.44 14.68
C6 NAG D . 21.63 8.13 13.65
C7 NAG D . 17.98 6.08 17.82
C8 NAG D . 17.56 4.96 16.89
N2 NAG D . 19.09 6.75 17.49
O3 NAG D . 17.92 9.44 15.28
O4 NAG D . 18.67 6.45 13.90
O5 NAG D . 21.22 7.78 15.99
O6 NAG D . 21.78 9.50 14.02
O7 NAG D . 17.31 6.34 18.83
C1 NAG E . 37.21 18.29 24.46
C2 NAG E . 38.38 18.20 25.46
C3 NAG E . 39.72 18.53 24.81
C4 NAG E . 39.92 17.67 23.58
C5 NAG E . 38.76 17.91 22.60
C6 NAG E . 38.25 16.60 22.00
C7 NAG E . 38.06 18.56 27.85
C8 NAG E . 39.26 17.88 28.43
N2 NAG E . 38.16 19.04 26.62
O3 NAG E . 40.77 18.29 25.72
O4 NAG E . 41.17 17.96 22.97
O5 NAG E . 37.71 18.67 23.19
O6 NAG E . 37.14 16.85 21.17
O7 NAG E . 37.03 18.68 28.52
#